data_3MH4
#
_entry.id   3MH4
#
_cell.length_a   120.708
_cell.length_b   120.708
_cell.length_c   232.984
_cell.angle_alpha   90.00
_cell.angle_beta   90.00
_cell.angle_gamma   120.00
#
_symmetry.space_group_name_H-M   'P 63 2 2'
#
_entity_poly.entity_id   1
_entity_poly.type   'polypeptide(L)'
_entity_poly.pdbx_seq_one_letter_code
;AETSSATTAQQMPSLAPMLEKVMPSVVSINVEGSTTVNTPRMPRNFQQFFGDDSPFCQEGSPFQSSPFCQGGQGGNGGGQ
QQKFMALGSGVIIDADKGYVVTNNHVVDNATVIKVQLSDGRKFDAKMVGKDPRSDIALIQIQNPKNLTAIKMADSDALRV
GDYTVAIGNPFGLGETVTSGIVSALGRSGLNAENYENFIQTDAAINRGNAGGALVNLNGELIGINTAILAPDGGNIGIGF
AIPSNMVKNLTSQMVEYGQVKRGELGIMGTELNSELAKAMKVDAQRGAFVSQVLPNSSAAKAGIKAGDVITSLNGKPISS
FAALRAQVGTMPVGSKLTLGLLRDGKQVNVNLELQQSSQNQVDSSSIFNGIEGAEMSNKGKDQGVVVNNVKTGTPAAQIG
LKKGDVIIGANQQAVKNIAELRKVLDSKPSVLALNIQRGDSTIYLLMQRSHHHHHH
;
_entity_poly.pdbx_strand_id   A,B
#
# COMPACT_ATOMS: atom_id res chain seq x y z
N GLN A 11 32.85 37.36 -5.81
CA GLN A 11 33.02 38.03 -4.53
C GLN A 11 33.51 37.07 -3.45
N MET A 12 33.07 37.29 -2.22
CA MET A 12 33.47 36.45 -1.10
C MET A 12 32.80 35.08 -1.15
N PRO A 13 33.54 34.03 -0.76
CA PRO A 13 32.99 32.67 -0.63
C PRO A 13 31.97 32.61 0.49
N SER A 14 30.84 31.94 0.26
CA SER A 14 29.85 31.75 1.31
C SER A 14 29.02 30.51 1.13
N LEU A 15 28.48 30.03 2.23
CA LEU A 15 27.52 28.94 2.19
C LEU A 15 26.11 29.39 1.85
N ALA A 16 25.83 30.69 1.91
CA ALA A 16 24.45 31.14 1.79
C ALA A 16 23.76 30.60 0.55
N PRO A 17 24.40 30.73 -0.63
CA PRO A 17 23.93 30.15 -1.88
C PRO A 17 23.37 28.74 -1.73
N MET A 18 24.19 27.76 -1.37
CA MET A 18 23.67 26.39 -1.28
C MET A 18 22.67 26.29 -0.14
N LEU A 19 22.89 27.09 0.90
CA LEU A 19 22.02 27.09 2.07
C LEU A 19 20.60 27.49 1.69
N GLU A 20 20.50 28.36 0.69
CA GLU A 20 19.20 28.82 0.21
C GLU A 20 18.50 27.73 -0.61
N LYS A 21 19.26 26.74 -1.07
CA LYS A 21 18.69 25.59 -1.75
C LYS A 21 18.27 24.50 -0.78
N VAL A 22 18.92 24.46 0.38
CA VAL A 22 18.65 23.45 1.40
C VAL A 22 17.58 23.87 2.41
N MET A 23 17.55 25.16 2.72
CA MET A 23 16.70 25.66 3.80
C MET A 23 15.22 25.27 3.73
N PRO A 24 14.65 25.25 2.51
CA PRO A 24 13.28 24.81 2.22
C PRO A 24 12.97 23.43 2.81
N SER A 25 13.88 22.47 2.63
CA SER A 25 13.65 21.09 3.01
C SER A 25 13.84 20.87 4.51
N VAL A 26 14.28 21.91 5.20
CA VAL A 26 14.37 21.85 6.65
C VAL A 26 13.10 22.45 7.25
N VAL A 27 12.65 21.89 8.36
CA VAL A 27 11.40 22.36 8.98
C VAL A 27 11.53 22.43 10.49
N SER A 28 10.71 23.26 11.10
CA SER A 28 10.70 23.42 12.54
C SER A 28 9.53 22.68 13.16
N ILE A 29 9.82 21.79 14.10
CA ILE A 29 8.77 20.99 14.71
C ILE A 29 8.37 21.49 16.10
N ASN A 30 7.08 21.74 16.30
CA ASN A 30 6.55 22.16 17.60
C ASN A 30 5.66 21.11 18.22
N VAL A 31 6.22 20.37 19.17
CA VAL A 31 5.50 19.29 19.84
C VAL A 31 4.79 19.75 21.11
N GLU A 32 3.61 19.19 21.33
CA GLU A 32 2.90 19.36 22.59
C GLU A 32 2.46 17.99 23.08
N GLY A 33 2.86 17.62 24.28
CA GLY A 33 2.55 16.30 24.79
C GLY A 33 2.25 16.26 26.28
N SER A 34 1.85 15.09 26.74
CA SER A 34 1.63 14.88 28.17
C SER A 34 2.51 13.73 28.63
N THR A 35 2.82 13.71 29.92
CA THR A 35 3.69 12.68 30.46
C THR A 35 3.38 12.44 31.94
N THR A 36 3.46 11.17 32.36
CA THR A 36 3.21 10.81 33.74
C THR A 36 4.37 11.25 34.63
N VAL A 37 4.04 11.97 35.71
CA VAL A 37 5.06 12.48 36.63
C VAL A 37 4.66 12.26 38.09
N ASN A 38 5.65 12.18 38.96
CA ASN A 38 5.43 12.07 40.40
C ASN A 38 4.79 13.34 40.97
N THR A 39 3.78 13.17 41.81
CA THR A 39 3.17 14.31 42.49
C THR A 39 4.18 14.90 43.48
N PRO A 40 4.43 16.20 43.40
CA PRO A 40 5.44 16.84 44.24
C PRO A 40 5.13 16.73 45.73
N ARG A 41 6.11 16.29 46.51
CA ARG A 41 6.00 16.25 47.96
C ARG A 41 6.58 17.53 48.55
N MET A 42 5.81 18.16 49.43
CA MET A 42 6.23 19.41 50.05
C MET A 42 5.94 19.42 51.57
N PRO A 43 6.54 20.37 52.31
CA PRO A 43 7.41 21.46 51.85
C PRO A 43 8.72 20.95 51.23
N ARG A 44 9.27 21.73 50.30
CA ARG A 44 10.53 21.37 49.67
C ARG A 44 11.73 21.76 50.56
N GLY A 79 0.86 9.84 41.13
CA GLY A 79 1.16 10.09 39.73
C GLY A 79 0.10 10.92 39.02
N GLN A 80 0.55 11.84 38.17
CA GLN A 80 -0.35 12.75 37.46
C GLN A 80 0.17 13.05 36.06
N GLN A 81 -0.71 13.58 35.22
CA GLN A 81 -0.35 13.95 33.85
C GLN A 81 0.15 15.39 33.79
N GLN A 82 1.35 15.59 33.25
CA GLN A 82 1.90 16.93 33.08
C GLN A 82 2.15 17.26 31.60
N LYS A 83 1.71 18.45 31.19
CA LYS A 83 1.87 18.89 29.80
C LYS A 83 3.21 19.55 29.57
N PHE A 84 3.88 19.15 28.49
CA PHE A 84 5.19 19.68 28.16
C PHE A 84 5.20 20.21 26.74
N MET A 85 6.30 20.83 26.34
CA MET A 85 6.47 21.28 24.97
C MET A 85 7.87 20.98 24.50
N ALA A 86 7.98 20.16 23.47
CA ALA A 86 9.27 19.79 22.90
C ALA A 86 9.45 20.57 21.63
N LEU A 87 10.69 20.73 21.20
CA LEU A 87 10.94 21.55 20.03
C LEU A 87 12.20 21.11 19.29
N GLY A 88 12.06 20.84 18.00
CA GLY A 88 13.17 20.32 17.22
C GLY A 88 13.23 20.81 15.79
N SER A 89 14.04 20.14 15.00
CA SER A 89 14.13 20.37 13.57
C SER A 89 13.94 19.03 12.87
N GLY A 90 13.69 19.07 11.57
CA GLY A 90 13.57 17.84 10.81
C GLY A 90 13.71 18.11 9.34
N VAL A 91 13.90 17.05 8.57
CA VAL A 91 14.06 17.20 7.13
C VAL A 91 12.94 16.49 6.37
N ILE A 92 12.38 17.21 5.39
CA ILE A 92 11.42 16.62 4.45
C ILE A 92 12.18 15.67 3.55
N ILE A 93 11.80 14.40 3.64
CA ILE A 93 12.50 13.29 3.04
C ILE A 93 11.73 12.78 1.83
N ASP A 94 10.40 12.84 1.93
CA ASP A 94 9.49 12.50 0.83
C ASP A 94 8.52 13.63 0.58
N ALA A 95 8.79 14.41 -0.46
CA ALA A 95 7.98 15.59 -0.79
C ALA A 95 6.48 15.27 -1.02
N ASP A 96 6.20 14.13 -1.64
CA ASP A 96 4.84 13.79 -2.03
C ASP A 96 4.01 13.33 -0.84
N LYS A 97 4.49 12.35 -0.10
CA LYS A 97 3.78 11.87 1.07
C LYS A 97 3.90 12.85 2.24
N GLY A 98 4.91 13.70 2.17
CA GLY A 98 5.18 14.67 3.22
C GLY A 98 5.79 13.99 4.44
N TYR A 99 6.85 13.23 4.17
CA TYR A 99 7.58 12.52 5.20
C TYR A 99 8.67 13.41 5.75
N VAL A 100 8.69 13.58 7.06
CA VAL A 100 9.68 14.44 7.68
C VAL A 100 10.42 13.69 8.75
N VAL A 101 11.70 13.42 8.52
CA VAL A 101 12.51 12.76 9.51
C VAL A 101 12.85 13.72 10.65
N THR A 102 12.94 13.17 11.85
CA THR A 102 13.25 13.98 13.01
C THR A 102 13.81 13.09 14.09
N ASN A 103 14.10 13.68 15.24
CA ASN A 103 14.62 12.95 16.38
C ASN A 103 13.52 12.46 17.29
N ASN A 104 13.65 11.21 17.70
CA ASN A 104 12.72 10.60 18.61
C ASN A 104 12.56 11.37 19.93
N HIS A 105 13.64 11.95 20.44
CA HIS A 105 13.57 12.72 21.69
C HIS A 105 12.82 14.03 21.54
N VAL A 106 12.15 14.23 20.42
CA VAL A 106 11.49 15.49 20.13
C VAL A 106 10.01 15.23 20.01
N VAL A 107 9.71 14.04 19.51
CA VAL A 107 8.38 13.70 19.07
C VAL A 107 7.86 12.59 19.99
N ASP A 108 8.70 12.16 20.91
CA ASP A 108 8.30 11.19 21.92
C ASP A 108 7.20 11.78 22.78
N ASN A 109 6.22 10.95 23.15
CA ASN A 109 5.14 11.34 24.04
C ASN A 109 4.32 12.52 23.53
N ALA A 110 4.22 12.63 22.21
CA ALA A 110 3.57 13.77 21.59
C ALA A 110 2.07 13.55 21.41
N THR A 111 1.31 14.60 21.69
CA THR A 111 -0.13 14.57 21.53
C THR A 111 -0.49 15.38 20.30
N VAL A 112 0.14 16.54 20.16
CA VAL A 112 -0.04 17.38 18.99
C VAL A 112 1.31 17.78 18.44
N ILE A 113 1.54 17.48 17.16
CA ILE A 113 2.77 17.93 16.52
C ILE A 113 2.48 18.87 15.34
N LYS A 114 3.13 20.02 15.32
CA LYS A 114 3.01 20.98 14.22
C LYS A 114 4.33 21.21 13.50
N VAL A 115 4.23 21.50 12.22
CA VAL A 115 5.39 21.70 11.36
C VAL A 115 5.31 23.07 10.70
N GLN A 116 6.40 23.84 10.78
CA GLN A 116 6.45 25.11 10.06
C GLN A 116 7.60 25.14 9.10
N LEU A 117 7.27 25.45 7.85
CA LEU A 117 8.27 25.52 6.78
C LEU A 117 9.07 26.79 6.90
N SER A 118 10.26 26.77 6.33
CA SER A 118 11.15 27.92 6.40
C SER A 118 10.50 29.18 5.80
N ASP A 119 9.49 29.00 4.95
CA ASP A 119 8.79 30.12 4.35
C ASP A 119 7.63 30.63 5.22
N GLY A 120 7.38 29.96 6.33
CA GLY A 120 6.38 30.39 7.31
C GLY A 120 5.17 29.49 7.45
N ARG A 121 4.87 28.75 6.37
CA ARG A 121 3.73 27.84 6.32
C ARG A 121 3.70 26.80 7.45
N LYS A 122 2.53 26.58 8.03
CA LYS A 122 2.39 25.61 9.10
C LYS A 122 1.48 24.45 8.67
N PHE A 123 1.82 23.24 9.09
CA PHE A 123 1.00 22.09 8.80
C PHE A 123 0.81 21.27 10.07
N ASP A 124 -0.16 20.37 10.07
CA ASP A 124 -0.26 19.42 11.15
C ASP A 124 0.43 18.16 10.68
N ALA A 125 1.19 17.52 11.56
CA ALA A 125 1.81 16.26 11.22
C ALA A 125 1.27 15.16 12.13
N LYS A 126 1.47 13.93 11.69
CA LYS A 126 1.04 12.78 12.46
C LYS A 126 2.25 11.88 12.57
N MET A 127 2.39 11.25 13.73
CA MET A 127 3.47 10.30 13.92
C MET A 127 3.35 9.13 12.96
N VAL A 128 4.47 8.49 12.67
CA VAL A 128 4.41 7.25 11.90
C VAL A 128 5.30 6.15 12.48
N GLY A 129 6.33 6.54 13.22
CA GLY A 129 7.27 5.59 13.80
C GLY A 129 8.45 6.27 14.47
N LYS A 130 8.94 5.67 15.55
CA LYS A 130 10.10 6.20 16.24
C LYS A 130 11.09 5.10 16.55
N ASP A 131 12.28 5.48 17.04
CA ASP A 131 13.30 4.49 17.33
C ASP A 131 14.30 4.99 18.35
N PRO A 132 13.96 4.84 19.63
CA PRO A 132 14.72 5.42 20.73
C PRO A 132 16.19 5.03 20.67
N ARG A 133 16.49 3.83 20.19
CA ARG A 133 17.89 3.42 20.13
C ARG A 133 18.75 4.38 19.35
N SER A 134 18.32 4.73 18.15
CA SER A 134 19.11 5.64 17.31
C SER A 134 18.61 7.07 17.38
N ASP A 135 17.54 7.29 18.14
CA ASP A 135 16.93 8.62 18.31
C ASP A 135 16.40 9.19 16.99
N ILE A 136 15.80 8.32 16.19
CA ILE A 136 15.25 8.76 14.91
C ILE A 136 13.75 8.48 14.88
N ALA A 137 13.01 9.39 14.27
CA ALA A 137 11.57 9.21 14.14
C ALA A 137 11.07 9.77 12.83
N LEU A 138 9.96 9.23 12.36
CA LEU A 138 9.34 9.69 11.13
C LEU A 138 7.97 10.28 11.44
N ILE A 139 7.77 11.52 11.00
CA ILE A 139 6.43 12.12 11.04
C ILE A 139 5.92 12.40 9.63
N GLN A 140 4.60 12.48 9.51
CA GLN A 140 3.97 12.77 8.24
C GLN A 140 3.20 14.08 8.23
N ILE A 141 3.41 14.89 7.20
CA ILE A 141 2.66 16.13 7.06
C ILE A 141 1.24 15.91 6.53
N GLN A 142 0.25 16.30 7.32
CA GLN A 142 -1.14 16.29 6.91
C GLN A 142 -1.38 17.44 5.94
N ASN A 143 -1.80 17.08 4.73
CA ASN A 143 -2.03 18.05 3.64
C ASN A 143 -0.76 18.67 3.07
N PRO A 144 0.18 17.85 2.63
CA PRO A 144 1.43 18.35 2.08
C PRO A 144 1.22 19.04 0.71
N LYS A 145 1.84 20.20 0.51
CA LYS A 145 1.63 20.96 -0.72
C LYS A 145 2.80 21.91 -1.03
N ASN A 146 3.31 21.84 -2.26
CA ASN A 146 4.51 22.57 -2.65
C ASN A 146 5.65 22.32 -1.68
N LEU A 147 5.99 21.04 -1.53
CA LEU A 147 7.02 20.63 -0.60
C LEU A 147 8.30 20.35 -1.35
N THR A 148 9.43 20.74 -0.77
CA THR A 148 10.71 20.33 -1.32
C THR A 148 11.38 19.31 -0.42
N ALA A 149 11.76 18.18 -1.03
CA ALA A 149 12.47 17.14 -0.32
C ALA A 149 13.96 17.28 -0.60
N ILE A 150 14.76 16.85 0.36
CA ILE A 150 16.19 17.03 0.23
C ILE A 150 16.75 15.85 -0.53
N LYS A 151 17.86 16.07 -1.21
CA LYS A 151 18.51 15.01 -1.94
C LYS A 151 19.53 14.35 -1.03
N MET A 152 19.35 13.05 -0.76
CA MET A 152 20.23 12.33 0.14
C MET A 152 21.49 11.84 -0.55
N ALA A 153 22.64 12.12 0.06
CA ALA A 153 23.92 11.64 -0.44
C ALA A 153 24.15 10.21 0.00
N ASP A 154 25.01 9.47 -0.70
CA ASP A 154 25.39 8.16 -0.23
C ASP A 154 26.40 8.34 0.87
N SER A 155 26.03 7.96 2.09
CA SER A 155 26.91 8.22 3.21
C SER A 155 28.20 7.38 3.10
N ASP A 156 28.11 6.23 2.46
CA ASP A 156 29.28 5.38 2.27
C ASP A 156 30.43 6.13 1.61
N ALA A 157 30.11 7.19 0.87
CA ALA A 157 31.11 7.97 0.13
C ALA A 157 31.93 8.91 1.02
N LEU A 158 31.49 9.08 2.26
CA LEU A 158 32.11 10.00 3.19
C LEU A 158 33.54 9.64 3.56
N ARG A 159 34.37 10.66 3.65
CA ARG A 159 35.70 10.54 4.20
C ARG A 159 35.86 11.58 5.32
N VAL A 160 36.91 11.48 6.11
CA VAL A 160 37.02 12.35 7.26
C VAL A 160 37.22 13.84 6.92
N GLY A 161 38.19 14.16 6.08
CA GLY A 161 38.45 15.56 5.80
C GLY A 161 37.30 16.36 5.21
N ASP A 162 36.18 15.71 4.88
CA ASP A 162 35.06 16.37 4.20
C ASP A 162 34.39 17.47 5.02
N TYR A 163 33.91 18.52 4.35
CA TYR A 163 33.18 19.58 5.04
C TYR A 163 31.70 19.25 5.19
N THR A 164 31.11 19.71 6.29
CA THR A 164 29.72 19.48 6.58
C THR A 164 29.12 20.79 7.08
N VAL A 165 27.81 20.89 7.10
CA VAL A 165 27.15 21.93 7.88
C VAL A 165 25.88 21.40 8.57
N ALA A 166 25.63 21.89 9.78
CA ALA A 166 24.51 21.39 10.58
C ALA A 166 23.44 22.47 10.75
N ILE A 167 22.19 22.08 10.50
CA ILE A 167 21.02 22.97 10.63
C ILE A 167 20.06 22.49 11.74
N GLY A 168 19.67 23.38 12.66
CA GLY A 168 18.80 23.00 13.78
C GLY A 168 18.35 24.08 14.75
N ASN A 169 17.98 23.70 15.99
CA ASN A 169 17.59 24.67 17.05
C ASN A 169 18.24 24.40 18.40
N PRO A 170 19.49 24.83 18.58
CA PRO A 170 20.22 24.50 19.81
C PRO A 170 19.54 25.05 21.07
N PHE A 171 19.04 26.28 20.98
CA PHE A 171 18.51 27.03 22.11
C PHE A 171 17.05 27.46 21.91
N GLY A 172 16.42 26.95 20.87
CA GLY A 172 15.02 27.21 20.62
C GLY A 172 14.71 28.57 20.03
N LEU A 173 15.74 29.36 19.77
CA LEU A 173 15.56 30.72 19.24
C LEU A 173 15.38 30.76 17.72
N GLY A 174 15.10 29.62 17.12
CA GLY A 174 14.96 29.54 15.67
C GLY A 174 16.08 28.76 14.99
N GLU A 175 15.94 28.56 13.68
CA GLU A 175 16.86 27.69 12.94
C GLU A 175 18.28 28.24 12.82
N THR A 176 19.21 27.54 13.47
CA THR A 176 20.59 27.96 13.52
C THR A 176 21.47 27.05 12.65
N VAL A 177 22.27 27.65 11.76
CA VAL A 177 23.24 26.87 10.96
C VAL A 177 24.71 27.07 11.38
N THR A 178 25.44 25.95 11.39
CA THR A 178 26.85 25.90 11.77
C THR A 178 27.63 24.94 10.85
N SER A 179 28.93 25.19 10.68
CA SER A 179 29.77 24.39 9.79
C SER A 179 30.87 23.62 10.53
N GLY A 180 31.66 22.84 9.78
CA GLY A 180 32.69 22.00 10.36
C GLY A 180 33.15 20.95 9.36
N ILE A 181 33.79 19.89 9.86
CA ILE A 181 34.22 18.78 9.00
C ILE A 181 33.82 17.44 9.58
N VAL A 182 33.96 16.38 8.78
CA VAL A 182 33.71 15.03 9.27
C VAL A 182 34.86 14.59 10.18
N SER A 183 34.66 14.68 11.49
CA SER A 183 35.76 14.45 12.44
C SER A 183 36.13 12.98 12.60
N ALA A 184 35.14 12.09 12.48
CA ALA A 184 35.36 10.66 12.65
C ALA A 184 34.18 9.89 12.08
N LEU A 185 34.44 8.69 11.59
CA LEU A 185 33.41 7.84 11.00
C LEU A 185 33.45 6.47 11.65
N GLY A 186 32.34 6.07 12.27
CA GLY A 186 32.26 4.80 12.97
C GLY A 186 32.49 3.58 12.09
N ARG A 187 32.95 3.82 10.86
CA ARG A 187 33.28 2.74 9.94
C ARG A 187 34.47 3.08 9.05
N SER A 188 34.23 3.86 8.00
CA SER A 188 35.29 4.21 7.05
C SER A 188 36.58 4.62 7.76
N ASN A 197 27.65 2.19 11.89
CA ASN A 197 28.61 3.26 12.17
C ASN A 197 28.00 4.51 12.81
N PHE A 198 28.45 5.68 12.37
CA PHE A 198 28.11 6.90 13.08
C PHE A 198 28.93 8.02 12.47
N ILE A 199 28.45 9.24 12.56
CA ILE A 199 29.22 10.36 12.06
C ILE A 199 29.46 11.34 13.20
N GLN A 200 30.72 11.72 13.35
CA GLN A 200 31.12 12.64 14.38
C GLN A 200 31.62 13.87 13.67
N THR A 201 31.13 15.03 14.07
CA THR A 201 31.52 16.26 13.38
C THR A 201 31.71 17.42 14.35
N ASP A 202 32.69 18.26 14.06
CA ASP A 202 32.95 19.44 14.88
C ASP A 202 31.94 20.54 14.57
N ALA A 203 31.06 20.27 13.62
CA ALA A 203 30.07 21.26 13.20
C ALA A 203 28.86 21.23 14.12
N ALA A 204 29.12 21.27 15.43
CA ALA A 204 28.07 21.13 16.43
C ALA A 204 28.17 22.19 17.54
N ILE A 205 27.02 22.66 18.01
CA ILE A 205 26.95 23.76 18.98
C ILE A 205 27.13 23.36 20.46
N ASN A 206 28.05 24.05 21.13
CA ASN A 206 28.31 23.84 22.56
C ASN A 206 27.06 24.03 23.43
N ARG A 207 26.84 23.11 24.37
CA ARG A 207 25.71 23.22 25.29
C ARG A 207 24.36 23.25 24.55
N GLY A 208 24.38 22.94 23.26
CA GLY A 208 23.16 22.99 22.47
C GLY A 208 22.45 21.65 22.40
N ASN A 209 21.19 21.69 21.93
CA ASN A 209 20.41 20.49 21.72
C ASN A 209 20.66 19.92 20.34
N ALA A 210 21.14 18.68 20.28
CA ALA A 210 21.44 18.02 19.01
C ALA A 210 20.37 18.35 17.97
N GLY A 211 20.68 19.29 17.09
CA GLY A 211 19.73 19.71 16.08
C GLY A 211 19.36 18.58 15.15
N GLY A 212 18.96 18.95 13.94
CA GLY A 212 18.52 17.97 12.95
C GLY A 212 19.55 17.65 11.88
N ALA A 213 19.42 18.31 10.73
CA ALA A 213 20.09 17.89 9.48
C ALA A 213 21.61 18.11 9.39
N LEU A 214 22.30 17.14 8.82
CA LEU A 214 23.73 17.24 8.55
C LEU A 214 23.98 17.20 7.02
N VAL A 215 24.63 18.22 6.48
CA VAL A 215 24.65 18.41 5.05
C VAL A 215 26.04 18.71 4.44
N ASN A 216 26.29 18.15 3.25
CA ASN A 216 27.53 18.42 2.51
C ASN A 216 27.49 19.72 1.69
N LEU A 217 28.58 20.02 0.99
CA LEU A 217 28.67 21.27 0.23
C LEU A 217 27.68 21.41 -0.94
N ASN A 218 27.23 20.28 -1.49
CA ASN A 218 26.20 20.30 -2.54
C ASN A 218 24.80 20.46 -1.99
N GLY A 219 24.67 20.51 -0.67
CA GLY A 219 23.37 20.63 -0.06
C GLY A 219 22.58 19.35 -0.05
N GLU A 220 23.28 18.22 0.07
CA GLU A 220 22.64 16.91 0.18
C GLU A 220 22.66 16.39 1.63
N LEU A 221 21.75 15.48 1.99
CA LEU A 221 21.71 14.94 3.34
C LEU A 221 22.74 13.84 3.57
N ILE A 222 23.69 14.09 4.47
CA ILE A 222 24.65 13.06 4.86
C ILE A 222 24.30 12.49 6.23
N GLY A 223 23.31 13.08 6.91
CA GLY A 223 22.87 12.50 8.15
C GLY A 223 22.00 13.37 9.04
N ILE A 224 21.43 12.76 10.07
CA ILE A 224 20.67 13.50 11.08
C ILE A 224 21.46 13.48 12.37
N ASN A 225 21.74 14.66 12.89
CA ASN A 225 22.43 14.78 14.17
C ASN A 225 21.55 14.37 15.36
N THR A 226 22.17 13.71 16.33
CA THR A 226 21.43 13.04 17.38
C THR A 226 22.03 13.34 18.73
N ALA A 227 21.29 13.02 19.79
CA ALA A 227 21.82 13.16 21.14
C ALA A 227 22.11 11.78 21.74
N ILE A 228 23.37 11.53 22.06
CA ILE A 228 23.80 10.24 22.60
C ILE A 228 23.41 10.09 24.06
N LEU A 229 23.18 11.22 24.73
CA LEU A 229 22.86 11.21 26.15
C LEU A 229 21.36 11.40 26.37
N ALA A 230 20.54 10.57 25.74
CA ALA A 230 19.10 10.62 25.95
C ALA A 230 18.75 10.05 27.34
N PRO A 231 17.69 10.56 27.97
CA PRO A 231 16.75 11.59 27.49
C PRO A 231 17.22 13.02 27.73
N ASP A 232 18.50 13.29 27.48
CA ASP A 232 19.06 14.62 27.69
C ASP A 232 19.66 15.14 26.38
N GLY A 233 18.91 16.00 25.70
CA GLY A 233 19.38 16.59 24.45
C GLY A 233 20.47 17.62 24.70
N GLY A 234 21.72 17.18 24.60
CA GLY A 234 22.87 18.05 24.85
C GLY A 234 24.12 17.61 24.12
N ASN A 235 25.24 18.24 24.45
CA ASN A 235 26.50 17.94 23.78
C ASN A 235 27.54 17.25 24.68
N ILE A 236 28.41 16.47 24.05
CA ILE A 236 29.48 15.75 24.73
C ILE A 236 30.79 16.51 24.47
N GLY A 237 30.70 17.48 23.55
CA GLY A 237 31.84 18.25 23.11
C GLY A 237 31.91 18.27 21.59
N ILE A 238 31.43 17.20 20.98
CA ILE A 238 31.44 17.07 19.52
C ILE A 238 30.10 16.48 19.07
N GLY A 239 29.81 16.55 17.78
CA GLY A 239 28.51 16.12 17.26
C GLY A 239 28.46 14.69 16.76
N PHE A 240 27.42 13.97 17.15
CA PHE A 240 27.17 12.60 16.67
C PHE A 240 25.93 12.61 15.80
N ALA A 241 25.87 11.70 14.83
CA ALA A 241 24.76 11.68 13.90
C ALA A 241 24.65 10.33 13.21
N ILE A 242 23.44 9.95 12.81
CA ILE A 242 23.23 8.71 12.09
C ILE A 242 23.48 8.97 10.62
N PRO A 243 24.39 8.19 10.00
CA PRO A 243 24.68 8.52 8.60
C PRO A 243 23.40 8.44 7.78
N SER A 244 23.37 9.16 6.64
CA SER A 244 22.15 9.28 5.87
C SER A 244 21.58 7.93 5.42
N ASN A 245 22.44 6.97 5.11
CA ASN A 245 21.95 5.68 4.65
C ASN A 245 21.28 4.93 5.77
N MET A 246 21.96 4.80 6.91
CA MET A 246 21.37 4.18 8.08
C MET A 246 20.05 4.87 8.31
N VAL A 247 20.02 6.19 8.07
CA VAL A 247 18.80 6.96 8.22
C VAL A 247 17.68 6.48 7.30
N LYS A 248 18.00 6.31 6.01
CA LYS A 248 17.04 5.87 5.02
C LYS A 248 16.51 4.46 5.32
N ASN A 249 17.42 3.53 5.58
CA ASN A 249 17.01 2.20 5.95
C ASN A 249 16.08 2.27 7.16
N LEU A 250 16.56 2.89 8.23
CA LEU A 250 15.78 3.06 9.45
C LEU A 250 14.39 3.60 9.18
N THR A 251 14.32 4.53 8.25
CA THR A 251 13.12 5.31 8.03
C THR A 251 12.07 4.50 7.28
N SER A 252 12.53 3.62 6.39
CA SER A 252 11.64 2.81 5.58
C SER A 252 11.03 1.67 6.37
N GLN A 253 11.72 1.23 7.41
CA GLN A 253 11.15 0.24 8.32
C GLN A 253 10.00 0.85 9.10
N MET A 254 10.13 2.13 9.43
CA MET A 254 9.07 2.80 10.15
C MET A 254 7.82 2.95 9.28
N VAL A 255 8.02 3.34 8.03
CA VAL A 255 6.92 3.47 7.08
C VAL A 255 6.23 2.13 6.88
N GLU A 256 7.04 1.09 6.76
CA GLU A 256 6.59 -0.25 6.45
C GLU A 256 6.04 -1.03 7.66
N TYR A 257 6.57 -0.77 8.86
CA TYR A 257 6.22 -1.61 10.02
C TYR A 257 5.79 -0.86 11.27
N GLY A 258 5.83 0.47 11.24
CA GLY A 258 5.49 1.25 12.42
C GLY A 258 6.69 1.34 13.35
N GLN A 259 7.71 0.54 13.06
CA GLN A 259 8.95 0.59 13.79
C GLN A 259 10.07 -0.12 13.02
N VAL A 260 11.28 -0.01 13.55
CA VAL A 260 12.43 -0.68 12.96
C VAL A 260 12.54 -2.05 13.60
N LYS A 261 12.55 -3.09 12.78
CA LYS A 261 12.59 -4.47 13.26
C LYS A 261 13.97 -4.87 13.78
N ARG A 262 14.03 -5.26 15.05
CA ARG A 262 15.26 -5.73 15.66
C ARG A 262 15.68 -7.07 15.06
N GLY A 263 16.95 -7.19 14.69
CA GLY A 263 17.45 -8.40 14.06
C GLY A 263 18.26 -9.30 14.98
N GLU A 264 17.74 -9.57 16.17
CA GLU A 264 18.42 -10.42 17.14
C GLU A 264 18.59 -11.85 16.63
N LEU A 265 19.70 -12.09 15.93
CA LEU A 265 19.93 -13.38 15.29
C LEU A 265 21.33 -13.94 15.50
N GLY A 266 21.44 -14.86 16.46
CA GLY A 266 22.63 -15.70 16.54
C GLY A 266 22.46 -16.78 15.51
N ILE A 267 22.33 -18.02 15.98
CA ILE A 267 21.89 -19.13 15.14
C ILE A 267 21.29 -20.19 16.05
N MET A 268 22.15 -20.82 16.85
CA MET A 268 21.75 -21.75 17.88
C MET A 268 22.97 -22.52 18.37
N GLY A 269 23.80 -21.85 19.18
CA GLY A 269 25.03 -22.44 19.68
C GLY A 269 24.93 -22.88 21.12
N THR A 270 26.07 -23.27 21.68
CA THR A 270 26.15 -23.64 23.10
C THR A 270 27.40 -23.04 23.73
N GLU A 271 27.25 -22.44 24.91
CA GLU A 271 28.34 -21.80 25.64
C GLU A 271 29.67 -22.55 25.50
N LEU A 272 30.77 -21.81 25.51
CA LEU A 272 32.10 -22.41 25.51
C LEU A 272 32.38 -23.03 26.89
N ASN A 273 32.98 -24.22 26.89
CA ASN A 273 33.24 -24.99 28.11
C ASN A 273 32.11 -25.96 28.47
N SER A 274 31.05 -25.97 27.65
CA SER A 274 29.91 -26.82 27.91
C SER A 274 30.11 -28.25 27.39
N GLU A 275 29.00 -28.95 27.16
CA GLU A 275 29.04 -30.35 26.75
C GLU A 275 29.54 -30.51 25.32
N LEU A 276 28.82 -29.90 24.37
CA LEU A 276 29.17 -30.00 22.96
C LEU A 276 30.27 -29.01 22.56
N ALA A 277 30.67 -28.16 23.51
CA ALA A 277 31.65 -27.11 23.23
C ALA A 277 33.08 -27.55 23.57
N LYS A 278 33.29 -27.99 24.81
CA LYS A 278 34.60 -28.46 25.24
C LYS A 278 35.10 -29.63 24.40
N ALA A 279 34.17 -30.36 23.80
CA ALA A 279 34.51 -31.55 23.02
C ALA A 279 35.51 -31.26 21.90
N MET A 280 35.40 -30.08 21.29
CA MET A 280 36.24 -29.72 20.16
C MET A 280 37.60 -29.12 20.57
N LYS A 281 38.05 -28.14 19.79
CA LYS A 281 39.37 -27.53 19.95
C LYS A 281 39.76 -27.21 21.39
N VAL A 282 39.38 -26.02 21.85
CA VAL A 282 39.79 -25.51 23.15
C VAL A 282 41.27 -25.07 23.13
N ASP A 283 41.86 -25.11 21.93
CA ASP A 283 43.20 -24.57 21.72
C ASP A 283 43.08 -23.10 21.32
N ALA A 284 43.50 -22.23 22.22
CA ALA A 284 43.24 -20.79 22.10
C ALA A 284 41.78 -20.52 22.49
N GLN A 285 41.41 -21.01 23.66
CA GLN A 285 40.04 -20.89 24.17
C GLN A 285 39.67 -19.44 24.51
N ARG A 286 38.82 -19.27 25.51
CA ARG A 286 38.39 -17.95 25.96
C ARG A 286 37.55 -17.23 24.89
N GLY A 287 36.23 -17.39 24.96
CA GLY A 287 35.34 -16.73 24.01
C GLY A 287 33.93 -17.31 23.99
N ALA A 288 33.18 -16.97 22.93
CA ALA A 288 31.80 -17.43 22.78
C ALA A 288 31.70 -18.54 21.75
N PHE A 289 31.32 -19.73 22.19
CA PHE A 289 31.24 -20.89 21.31
C PHE A 289 30.00 -20.85 20.41
N VAL A 290 30.10 -21.53 19.28
CA VAL A 290 29.00 -21.63 18.31
C VAL A 290 28.82 -23.08 17.90
N SER A 291 27.69 -23.68 18.28
CA SER A 291 27.45 -25.09 18.00
C SER A 291 26.79 -25.33 16.64
N GLN A 292 25.72 -24.60 16.34
CA GLN A 292 24.97 -24.81 15.11
C GLN A 292 24.96 -23.60 14.17
N VAL A 293 24.24 -23.73 13.05
CA VAL A 293 24.26 -22.72 12.00
C VAL A 293 23.11 -22.94 11.01
N LEU A 294 22.41 -24.05 11.17
CA LEU A 294 21.34 -24.45 10.24
C LEU A 294 20.21 -23.44 10.02
N PRO A 295 19.89 -22.61 11.04
CA PRO A 295 18.87 -21.58 10.83
C PRO A 295 19.08 -20.74 9.56
N ASN A 296 20.29 -20.75 9.01
CA ASN A 296 20.57 -20.05 7.77
C ASN A 296 20.40 -18.53 7.87
N SER A 297 20.40 -18.02 9.10
CA SER A 297 20.24 -16.59 9.34
C SER A 297 21.59 -15.89 9.36
N SER A 298 22.02 -15.40 8.19
CA SER A 298 23.33 -14.77 8.05
C SER A 298 24.41 -15.62 8.70
N ALA A 299 24.24 -16.94 8.62
CA ALA A 299 25.18 -17.90 9.19
C ALA A 299 25.60 -18.86 8.09
N ALA A 300 24.62 -19.29 7.31
CA ALA A 300 24.88 -19.98 6.05
C ALA A 300 25.24 -18.89 5.05
N LYS A 301 25.18 -17.65 5.52
CA LYS A 301 25.54 -16.48 4.73
C LYS A 301 26.88 -15.91 5.21
N ALA A 302 27.09 -15.95 6.52
CA ALA A 302 28.32 -15.44 7.11
C ALA A 302 29.47 -16.43 6.92
N GLY A 303 29.21 -17.48 6.16
CA GLY A 303 30.21 -18.52 5.95
C GLY A 303 30.55 -19.21 7.26
N ILE A 304 29.64 -19.10 8.22
CA ILE A 304 29.83 -19.72 9.52
C ILE A 304 29.25 -21.13 9.56
N LYS A 305 29.91 -22.03 10.29
CA LYS A 305 29.44 -23.40 10.44
C LYS A 305 29.63 -23.86 11.88
N ALA A 306 29.24 -25.10 12.16
CA ALA A 306 29.34 -25.65 13.51
C ALA A 306 30.78 -25.63 14.03
N GLY A 307 30.93 -25.43 15.33
CA GLY A 307 32.23 -25.47 15.97
C GLY A 307 32.89 -24.12 16.20
N ASP A 308 32.50 -23.13 15.40
CA ASP A 308 33.10 -21.80 15.47
C ASP A 308 33.07 -21.22 16.88
N VAL A 309 33.89 -20.20 17.09
CA VAL A 309 33.94 -19.52 18.39
C VAL A 309 34.17 -18.03 18.21
N ILE A 310 33.10 -17.29 17.98
CA ILE A 310 33.20 -15.84 17.79
C ILE A 310 33.62 -15.14 19.07
N THR A 311 34.45 -14.11 18.94
CA THR A 311 34.94 -13.35 20.09
C THR A 311 35.19 -11.89 19.74
N SER A 312 34.45 -11.36 18.77
CA SER A 312 34.58 -9.95 18.39
C SER A 312 33.31 -9.40 17.77
N LEU A 313 33.12 -8.09 17.88
CA LEU A 313 32.01 -7.41 17.24
C LEU A 313 32.38 -5.97 16.89
N ASN A 314 33.15 -5.81 15.82
CA ASN A 314 33.65 -4.52 15.38
C ASN A 314 34.76 -3.98 16.28
N GLY A 315 35.55 -4.90 16.84
CA GLY A 315 36.66 -4.52 17.69
C GLY A 315 36.56 -5.07 19.10
N LYS A 316 35.46 -4.75 19.77
CA LYS A 316 35.28 -5.17 21.17
C LYS A 316 35.17 -6.69 21.30
N PRO A 317 36.08 -7.29 22.09
CA PRO A 317 36.14 -8.73 22.31
C PRO A 317 34.84 -9.27 22.90
N ILE A 318 34.29 -10.32 22.31
CA ILE A 318 33.09 -10.96 22.82
C ILE A 318 33.43 -11.98 23.90
N SER A 319 33.27 -11.58 25.16
CA SER A 319 33.59 -12.44 26.28
C SER A 319 32.69 -13.67 26.30
N SER A 320 31.48 -13.51 26.79
CA SER A 320 30.55 -14.63 26.94
C SER A 320 29.76 -14.90 25.66
N PHE A 321 28.88 -15.89 25.73
CA PHE A 321 28.03 -16.27 24.62
C PHE A 321 26.78 -15.39 24.58
N ALA A 322 26.32 -14.99 25.76
CA ALA A 322 25.18 -14.10 25.87
C ALA A 322 25.59 -12.68 25.50
N ALA A 323 26.89 -12.42 25.58
CA ALA A 323 27.44 -11.13 25.18
C ALA A 323 27.15 -10.87 23.70
N LEU A 324 27.20 -11.92 22.90
CA LEU A 324 26.81 -11.84 21.50
C LEU A 324 25.30 -11.71 21.39
N ARG A 325 24.58 -12.58 22.09
CA ARG A 325 23.13 -12.64 22.01
C ARG A 325 22.50 -11.26 22.27
N ALA A 326 23.14 -10.47 23.13
CA ALA A 326 22.63 -9.15 23.48
C ALA A 326 23.06 -8.07 22.50
N GLN A 327 24.37 -7.94 22.32
CA GLN A 327 24.93 -6.89 21.46
C GLN A 327 24.38 -6.95 20.03
N VAL A 328 24.27 -8.15 19.48
CA VAL A 328 23.81 -8.31 18.11
C VAL A 328 22.28 -8.32 18.02
N GLY A 329 21.63 -8.21 19.17
CA GLY A 329 20.18 -8.30 19.23
C GLY A 329 19.48 -6.96 19.41
N THR A 330 20.24 -5.95 19.82
CA THR A 330 19.67 -4.62 20.03
C THR A 330 19.83 -3.75 18.79
N MET A 331 20.53 -4.26 17.78
CA MET A 331 20.81 -3.50 16.57
C MET A 331 19.65 -3.54 15.56
N PRO A 332 19.58 -2.52 14.69
CA PRO A 332 18.57 -2.41 13.63
C PRO A 332 18.86 -3.29 12.41
N VAL A 333 17.82 -3.94 11.89
CA VAL A 333 17.93 -4.76 10.69
C VAL A 333 18.65 -4.02 9.55
N GLY A 334 19.37 -4.76 8.72
CA GLY A 334 20.13 -4.18 7.63
C GLY A 334 21.53 -3.78 8.08
N SER A 335 21.77 -3.85 9.39
CA SER A 335 23.06 -3.46 9.96
C SER A 335 24.26 -4.16 9.33
N LYS A 336 25.41 -3.49 9.37
CA LYS A 336 26.65 -4.07 8.85
C LYS A 336 27.68 -4.18 9.97
N LEU A 337 27.61 -5.25 10.75
CA LEU A 337 28.58 -5.49 11.81
C LEU A 337 29.59 -6.54 11.39
N THR A 338 30.79 -6.49 11.98
CA THR A 338 31.84 -7.46 11.67
C THR A 338 32.15 -8.33 12.88
N LEU A 339 32.27 -9.64 12.65
CA LEU A 339 32.52 -10.58 13.74
C LEU A 339 33.90 -11.23 13.61
N GLY A 340 34.78 -10.93 14.56
CA GLY A 340 36.07 -11.60 14.62
C GLY A 340 35.88 -13.03 15.09
N LEU A 341 35.78 -13.95 14.13
CA LEU A 341 35.52 -15.34 14.44
C LEU A 341 36.81 -16.14 14.64
N LEU A 342 36.81 -17.01 15.64
CA LEU A 342 37.99 -17.83 15.93
C LEU A 342 37.85 -19.24 15.36
N ARG A 343 38.86 -19.63 14.58
CA ARG A 343 38.93 -20.96 14.01
C ARG A 343 40.20 -21.00 13.15
N ASP A 344 41.17 -20.19 13.56
CA ASP A 344 42.43 -20.05 12.84
C ASP A 344 42.22 -19.35 11.50
N GLY A 345 41.74 -18.11 11.57
CA GLY A 345 41.47 -17.31 10.39
C GLY A 345 40.00 -17.30 10.00
N LYS A 346 39.30 -16.22 10.35
CA LYS A 346 37.90 -16.05 9.97
C LYS A 346 37.30 -14.76 10.53
N GLN A 347 36.83 -13.90 9.63
CA GLN A 347 36.17 -12.67 10.03
C GLN A 347 35.33 -12.11 8.89
N VAL A 348 34.04 -12.42 8.89
CA VAL A 348 33.14 -11.98 7.83
C VAL A 348 32.14 -10.94 8.32
N ASN A 349 31.70 -10.06 7.42
CA ASN A 349 30.70 -9.05 7.73
C ASN A 349 29.28 -9.53 7.45
N VAL A 350 28.36 -9.25 8.38
CA VAL A 350 26.99 -9.72 8.26
C VAL A 350 26.02 -8.61 7.84
N ASN A 351 24.83 -9.01 7.40
CA ASN A 351 23.77 -8.07 7.04
C ASN A 351 22.43 -8.59 7.55
N LEU A 352 22.00 -8.08 8.69
CA LEU A 352 20.78 -8.52 9.37
C LEU A 352 19.64 -8.88 8.42
N GLU A 353 18.92 -9.95 8.77
CA GLU A 353 17.90 -10.53 7.90
C GLU A 353 18.52 -11.20 6.69
N GLN B 11 -29.64 22.65 21.33
CA GLN B 11 -29.72 23.75 20.35
C GLN B 11 -30.47 23.31 19.11
N MET B 12 -29.84 23.47 17.96
CA MET B 12 -30.43 23.03 16.70
C MET B 12 -29.86 21.68 16.22
N PRO B 13 -30.70 20.88 15.57
CA PRO B 13 -30.33 19.60 14.95
C PRO B 13 -29.26 19.75 13.86
N SER B 14 -28.35 18.78 13.80
CA SER B 14 -27.32 18.75 12.76
C SER B 14 -26.81 17.34 12.44
N LEU B 15 -26.26 17.18 11.24
CA LEU B 15 -25.61 15.91 10.89
C LEU B 15 -24.12 15.93 11.28
N ALA B 16 -23.59 17.12 11.57
CA ALA B 16 -22.18 17.29 11.92
C ALA B 16 -21.66 16.28 12.95
N PRO B 17 -22.39 16.08 14.06
CA PRO B 17 -22.00 15.08 15.06
C PRO B 17 -21.73 13.70 14.48
N MET B 18 -22.63 13.19 13.64
CA MET B 18 -22.41 11.85 13.10
C MET B 18 -21.40 11.88 11.97
N LEU B 19 -21.38 12.95 11.20
CA LEU B 19 -20.40 13.07 10.12
C LEU B 19 -18.98 13.07 10.69
N GLU B 20 -18.84 13.57 11.92
CA GLU B 20 -17.57 13.57 12.62
C GLU B 20 -17.15 12.14 12.97
N LYS B 21 -18.13 11.26 13.12
CA LYS B 21 -17.81 9.85 13.33
C LYS B 21 -17.69 9.10 12.01
N VAL B 22 -18.16 9.69 10.90
CA VAL B 22 -18.07 9.01 9.62
C VAL B 22 -16.88 9.45 8.77
N MET B 23 -16.60 10.75 8.79
CA MET B 23 -15.60 11.31 7.86
C MET B 23 -14.24 10.59 7.85
N PRO B 24 -13.73 10.21 9.03
CA PRO B 24 -12.43 9.56 9.05
C PRO B 24 -12.39 8.30 8.18
N SER B 25 -13.55 7.76 7.84
CA SER B 25 -13.57 6.57 7.00
C SER B 25 -13.64 6.88 5.51
N VAL B 26 -13.82 8.15 5.17
CA VAL B 26 -13.97 8.51 3.75
C VAL B 26 -12.68 9.11 3.16
N VAL B 27 -12.19 8.48 2.10
CA VAL B 27 -10.92 8.90 1.51
C VAL B 27 -11.09 9.58 0.15
N SER B 28 -10.12 10.40 -0.21
CA SER B 28 -10.05 10.95 -1.56
C SER B 28 -9.22 10.04 -2.41
N ILE B 29 -9.52 9.97 -3.71
CA ILE B 29 -8.77 9.10 -4.60
C ILE B 29 -8.31 9.83 -5.85
N ASN B 30 -7.00 9.85 -6.05
CA ASN B 30 -6.42 10.45 -7.24
C ASN B 30 -5.76 9.43 -8.16
N VAL B 31 -6.50 9.02 -9.17
CA VAL B 31 -5.97 8.08 -10.15
C VAL B 31 -5.22 8.78 -11.28
N GLU B 32 -4.08 8.21 -11.65
CA GLU B 32 -3.33 8.66 -12.81
C GLU B 32 -3.11 7.44 -13.68
N GLY B 33 -3.41 7.54 -14.96
CA GLY B 33 -3.25 6.39 -15.85
C GLY B 33 -3.11 6.75 -17.31
N SER B 34 -2.96 5.75 -18.16
CA SER B 34 -3.02 6.01 -19.59
C SER B 34 -4.02 5.09 -20.29
N THR B 35 -4.23 5.34 -21.57
CA THR B 35 -5.24 4.62 -22.31
C THR B 35 -4.94 4.78 -23.79
N THR B 36 -5.37 3.82 -24.60
CA THR B 36 -5.14 3.89 -26.03
C THR B 36 -6.16 4.79 -26.69
N VAL B 37 -5.66 5.81 -27.38
CA VAL B 37 -6.51 6.72 -28.11
C VAL B 37 -6.09 6.73 -29.57
N ASN B 38 -6.97 7.21 -30.43
CA ASN B 38 -6.69 7.32 -31.85
C ASN B 38 -5.82 8.54 -32.14
N THR B 39 -5.01 8.43 -33.20
CA THR B 39 -4.16 9.54 -33.63
C THR B 39 -4.97 10.61 -34.36
N PRO B 40 -4.97 11.85 -33.82
CA PRO B 40 -5.71 13.00 -34.36
C PRO B 40 -5.32 13.32 -35.78
N ARG B 41 -6.30 13.59 -36.64
CA ARG B 41 -6.05 13.92 -38.04
C ARG B 41 -6.21 15.41 -38.28
N MET B 42 -5.12 16.08 -38.64
CA MET B 42 -5.14 17.52 -38.95
C MET B 42 -5.11 17.80 -40.45
N PRO B 43 -5.42 19.05 -40.85
CA PRO B 43 -5.86 20.14 -39.96
C PRO B 43 -7.23 19.90 -39.33
N GLY B 79 -3.16 5.18 -32.92
CA GLY B 79 -2.77 4.33 -31.80
C GLY B 79 -1.65 4.94 -30.98
N GLN B 80 -1.99 5.42 -29.78
CA GLN B 80 -1.00 5.99 -28.88
C GLN B 80 -1.54 6.07 -27.48
N GLN B 81 -0.70 5.73 -26.50
CA GLN B 81 -1.09 5.82 -25.11
C GLN B 81 -1.26 7.28 -24.73
N GLN B 82 -2.38 7.59 -24.10
CA GLN B 82 -2.65 8.94 -23.58
C GLN B 82 -2.86 8.95 -22.08
N LYS B 83 -2.04 9.73 -21.38
CA LYS B 83 -2.16 9.87 -19.94
C LYS B 83 -3.44 10.64 -19.57
N PHE B 84 -4.06 10.25 -18.48
CA PHE B 84 -5.27 10.90 -18.02
C PHE B 84 -5.30 10.95 -16.50
N MET B 85 -6.17 11.80 -15.97
CA MET B 85 -6.27 11.98 -14.54
C MET B 85 -7.71 11.93 -14.08
N ALA B 86 -8.03 10.91 -13.29
CA ALA B 86 -9.35 10.79 -12.70
C ALA B 86 -9.28 10.97 -11.18
N LEU B 87 -10.37 11.39 -10.57
CA LEU B 87 -10.45 11.37 -9.12
C LEU B 87 -11.85 10.96 -8.61
N GLY B 88 -11.89 10.40 -7.40
CA GLY B 88 -13.13 9.94 -6.80
C GLY B 88 -12.99 9.82 -5.30
N SER B 89 -13.99 9.23 -4.64
CA SER B 89 -13.86 8.90 -3.22
C SER B 89 -13.86 7.40 -3.07
N GLY B 90 -13.58 6.94 -1.86
CA GLY B 90 -13.69 5.55 -1.53
C GLY B 90 -14.01 5.47 -0.05
N VAL B 91 -14.22 4.27 0.46
CA VAL B 91 -14.46 4.12 1.88
C VAL B 91 -13.59 3.02 2.48
N ILE B 92 -12.89 3.35 3.55
CA ILE B 92 -12.14 2.36 4.28
C ILE B 92 -13.13 1.35 4.84
N ILE B 93 -12.99 0.12 4.39
CA ILE B 93 -13.93 -0.94 4.68
C ILE B 93 -13.26 -1.88 5.68
N ASP B 94 -11.95 -2.06 5.50
CA ASP B 94 -11.08 -2.82 6.42
C ASP B 94 -9.91 -1.97 6.93
N ALA B 95 -9.88 -1.72 8.24
CA ALA B 95 -8.89 -0.80 8.83
C ALA B 95 -7.49 -1.40 8.97
N ASP B 96 -7.41 -2.71 9.18
CA ASP B 96 -6.12 -3.39 9.35
C ASP B 96 -5.47 -3.71 8.02
N LYS B 97 -6.25 -4.30 7.12
CA LYS B 97 -5.72 -4.64 5.81
C LYS B 97 -5.67 -3.43 4.88
N GLY B 98 -6.36 -2.36 5.26
CA GLY B 98 -6.33 -1.11 4.50
C GLY B 98 -7.11 -1.21 3.20
N TYR B 99 -8.32 -1.77 3.30
CA TYR B 99 -9.16 -2.02 2.14
C TYR B 99 -10.13 -0.88 1.93
N VAL B 100 -10.01 -0.21 0.80
CA VAL B 100 -10.95 0.86 0.47
C VAL B 100 -11.78 0.50 -0.74
N VAL B 101 -13.09 0.64 -0.60
CA VAL B 101 -14.00 0.41 -1.71
C VAL B 101 -14.31 1.71 -2.40
N THR B 102 -14.44 1.61 -3.71
CA THR B 102 -14.62 2.78 -4.55
C THR B 102 -15.27 2.31 -5.83
N ASN B 103 -15.55 3.24 -6.73
CA ASN B 103 -16.13 2.94 -8.02
C ASN B 103 -15.08 2.42 -8.97
N ASN B 104 -15.46 1.50 -9.85
CA ASN B 104 -14.53 1.08 -10.89
C ASN B 104 -14.25 2.16 -11.94
N HIS B 105 -15.21 3.05 -12.19
CA HIS B 105 -15.03 4.04 -13.25
C HIS B 105 -13.95 5.05 -12.91
N VAL B 106 -13.43 4.96 -11.69
CA VAL B 106 -12.37 5.84 -11.20
C VAL B 106 -11.00 5.17 -11.35
N VAL B 107 -10.89 3.95 -10.81
CA VAL B 107 -9.63 3.21 -10.77
C VAL B 107 -9.37 2.37 -12.02
N ASP B 108 -10.33 2.36 -12.93
CA ASP B 108 -10.19 1.64 -14.19
C ASP B 108 -9.04 2.26 -14.99
N ASN B 109 -8.13 1.41 -15.47
CA ASN B 109 -7.04 1.86 -16.33
C ASN B 109 -5.97 2.67 -15.60
N ALA B 110 -5.75 2.34 -14.34
CA ALA B 110 -4.81 3.09 -13.52
C ALA B 110 -3.39 2.56 -13.62
N THR B 111 -2.44 3.49 -13.68
CA THR B 111 -1.03 3.16 -13.57
C THR B 111 -0.64 3.47 -12.13
N VAL B 112 -1.09 4.62 -11.66
CA VAL B 112 -0.82 5.06 -10.30
C VAL B 112 -2.11 5.41 -9.58
N ILE B 113 -2.44 4.72 -8.50
CA ILE B 113 -3.59 5.13 -7.68
C ILE B 113 -3.16 5.65 -6.31
N LYS B 114 -3.51 6.92 -6.06
CA LYS B 114 -3.13 7.61 -4.84
C LYS B 114 -4.33 7.94 -3.97
N VAL B 115 -4.14 7.86 -2.66
CA VAL B 115 -5.21 8.07 -1.70
C VAL B 115 -4.84 9.17 -0.69
N GLN B 116 -5.84 9.82 -0.10
CA GLN B 116 -5.62 10.79 0.95
C GLN B 116 -6.73 10.74 2.01
N LEU B 117 -6.35 10.52 3.26
CA LEU B 117 -7.30 10.41 4.37
C LEU B 117 -8.04 11.73 4.65
N SER B 118 -9.01 11.69 5.55
CA SER B 118 -9.79 12.90 5.84
C SER B 118 -8.98 13.90 6.64
N ASP B 119 -7.96 13.41 7.35
CA ASP B 119 -7.06 14.29 8.10
C ASP B 119 -5.91 14.74 7.21
N GLY B 120 -5.95 14.33 5.95
CA GLY B 120 -5.00 14.81 4.97
C GLY B 120 -3.72 14.02 4.82
N ARG B 121 -3.62 12.87 5.51
CA ARG B 121 -2.47 11.99 5.29
C ARG B 121 -2.56 11.32 3.93
N LYS B 122 -1.44 11.24 3.21
CA LYS B 122 -1.46 10.60 1.90
C LYS B 122 -0.86 9.18 1.90
N PHE B 123 -1.42 8.33 1.07
CA PHE B 123 -0.89 6.98 0.88
C PHE B 123 -0.85 6.62 -0.61
N ASP B 124 -0.24 5.48 -0.91
CA ASP B 124 -0.39 4.87 -2.21
C ASP B 124 -1.36 3.71 -2.08
N ALA B 125 -1.97 3.33 -3.20
CA ALA B 125 -2.89 2.22 -3.17
C ALA B 125 -2.67 1.31 -4.37
N LYS B 126 -3.03 0.04 -4.20
CA LYS B 126 -2.86 -0.94 -5.25
C LYS B 126 -4.21 -1.58 -5.53
N MET B 127 -4.40 -2.00 -6.79
CA MET B 127 -5.59 -2.71 -7.21
C MET B 127 -5.62 -4.10 -6.60
N VAL B 128 -6.70 -4.43 -5.91
CA VAL B 128 -6.91 -5.79 -5.48
C VAL B 128 -7.97 -6.45 -6.37
N GLY B 129 -8.95 -5.66 -6.79
CA GLY B 129 -9.97 -6.18 -7.68
C GLY B 129 -10.99 -5.17 -8.17
N LYS B 130 -11.84 -5.61 -9.09
CA LYS B 130 -12.91 -4.76 -9.57
C LYS B 130 -14.05 -5.55 -10.21
N ASP B 131 -15.10 -4.83 -10.61
CA ASP B 131 -16.27 -5.46 -11.21
C ASP B 131 -17.11 -4.42 -11.93
N PRO B 132 -16.82 -4.19 -13.21
CA PRO B 132 -17.41 -3.11 -14.00
C PRO B 132 -18.92 -3.25 -14.15
N ARG B 133 -19.47 -4.44 -13.90
CA ARG B 133 -20.90 -4.64 -13.95
C ARG B 133 -21.59 -3.84 -12.86
N SER B 134 -21.02 -3.89 -11.67
CA SER B 134 -21.60 -3.23 -10.50
C SER B 134 -20.97 -1.86 -10.31
N ASP B 135 -20.02 -1.52 -11.16
CA ASP B 135 -19.20 -0.34 -10.97
C ASP B 135 -18.64 -0.28 -9.55
N ILE B 136 -17.99 -1.37 -9.13
CA ILE B 136 -17.42 -1.46 -7.79
C ILE B 136 -16.01 -2.03 -7.82
N ALA B 137 -15.04 -1.23 -7.37
CA ALA B 137 -13.66 -1.67 -7.28
C ALA B 137 -13.18 -1.69 -5.83
N LEU B 138 -12.15 -2.47 -5.58
CA LEU B 138 -11.51 -2.52 -4.27
C LEU B 138 -10.05 -2.14 -4.44
N ILE B 139 -9.56 -1.31 -3.54
CA ILE B 139 -8.15 -1.02 -3.52
C ILE B 139 -7.58 -1.23 -2.12
N GLN B 140 -6.25 -1.31 -2.06
CA GLN B 140 -5.59 -1.45 -0.79
C GLN B 140 -4.55 -0.36 -0.60
N ILE B 141 -4.60 0.26 0.57
CA ILE B 141 -3.66 1.30 0.93
C ILE B 141 -2.32 0.67 1.28
N GLN B 142 -1.26 1.11 0.61
CA GLN B 142 0.08 0.63 0.90
C GLN B 142 0.60 1.25 2.19
N ASN B 143 1.03 0.40 3.12
CA ASN B 143 1.55 0.85 4.41
C ASN B 143 0.52 1.64 5.20
N PRO B 144 -0.65 1.05 5.46
CA PRO B 144 -1.68 1.74 6.24
C PRO B 144 -1.24 2.00 7.68
N LYS B 145 -1.57 3.17 8.23
CA LYS B 145 -1.36 3.42 9.66
C LYS B 145 -2.56 4.09 10.29
N ASN B 146 -2.95 3.65 11.47
CA ASN B 146 -4.04 4.28 12.23
C ASN B 146 -5.26 4.64 11.41
N LEU B 147 -5.91 3.63 10.83
CA LEU B 147 -7.07 3.84 9.99
C LEU B 147 -8.38 3.54 10.70
N THR B 148 -9.44 4.22 10.28
CA THR B 148 -10.77 3.91 10.77
C THR B 148 -11.64 3.34 9.65
N ALA B 149 -12.38 2.29 9.96
CA ALA B 149 -13.26 1.69 8.97
C ALA B 149 -14.72 2.00 9.28
N ILE B 150 -15.54 2.03 8.23
CA ILE B 150 -16.94 2.30 8.43
C ILE B 150 -17.66 1.01 8.79
N LYS B 151 -18.71 1.15 9.59
CA LYS B 151 -19.49 -0.02 9.98
C LYS B 151 -20.65 -0.20 9.01
N MET B 152 -20.64 -1.29 8.25
CA MET B 152 -21.67 -1.52 7.25
C MET B 152 -23.03 -1.89 7.85
N ALA B 153 -24.07 -1.21 7.38
CA ALA B 153 -25.45 -1.48 7.80
C ALA B 153 -26.10 -2.54 6.89
N ASP B 154 -27.28 -3.02 7.26
CA ASP B 154 -27.97 -4.06 6.49
C ASP B 154 -28.88 -3.51 5.39
N SER B 155 -28.41 -3.52 4.14
CA SER B 155 -29.24 -3.08 3.02
C SER B 155 -30.67 -3.58 3.13
N ASP B 156 -30.83 -4.85 3.46
CA ASP B 156 -32.13 -5.49 3.45
C ASP B 156 -33.13 -4.81 4.37
N ALA B 157 -32.63 -4.10 5.39
CA ALA B 157 -33.49 -3.38 6.32
C ALA B 157 -33.93 -2.03 5.77
N LEU B 158 -33.56 -1.74 4.52
CA LEU B 158 -33.84 -0.41 3.97
C LEU B 158 -35.28 -0.20 3.58
N ARG B 159 -35.83 0.93 4.01
CA ARG B 159 -37.17 1.34 3.66
C ARG B 159 -37.13 2.71 3.02
N VAL B 160 -38.16 3.02 2.24
CA VAL B 160 -38.10 4.17 1.36
C VAL B 160 -38.12 5.54 2.07
N GLY B 161 -39.08 5.76 2.96
CA GLY B 161 -39.05 7.00 3.72
C GLY B 161 -37.69 7.33 4.32
N ASP B 162 -36.92 6.30 4.66
CA ASP B 162 -35.64 6.41 5.38
C ASP B 162 -34.70 7.52 4.93
N TYR B 163 -33.98 8.09 5.90
CA TYR B 163 -33.05 9.18 5.65
C TYR B 163 -31.66 8.74 5.24
N THR B 164 -31.03 9.61 4.46
CA THR B 164 -29.86 9.26 3.70
C THR B 164 -28.91 10.43 3.64
N VAL B 165 -27.62 10.12 3.58
CA VAL B 165 -26.61 11.14 3.42
C VAL B 165 -25.54 10.60 2.48
N ALA B 166 -25.16 11.41 1.49
CA ALA B 166 -24.15 11.01 0.54
C ALA B 166 -22.91 11.81 0.83
N ILE B 167 -21.75 11.18 0.60
CA ILE B 167 -20.47 11.85 0.81
C ILE B 167 -19.57 11.53 -0.35
N GLY B 168 -19.04 12.56 -1.00
CA GLY B 168 -18.27 12.36 -2.21
C GLY B 168 -17.45 13.55 -2.63
N ASN B 169 -17.01 13.56 -3.88
CA ASN B 169 -16.12 14.61 -4.37
C ASN B 169 -16.54 15.13 -5.74
N PRO B 170 -17.69 15.82 -5.78
CA PRO B 170 -18.44 16.21 -6.98
C PRO B 170 -17.59 16.90 -8.04
N PHE B 171 -16.71 17.81 -7.62
CA PHE B 171 -15.98 18.63 -8.58
C PHE B 171 -14.50 18.76 -8.23
N GLY B 172 -13.96 17.74 -7.58
CA GLY B 172 -12.57 17.74 -7.20
C GLY B 172 -12.23 18.68 -6.05
N LEU B 173 -12.96 19.79 -5.97
CA LEU B 173 -12.67 20.84 -5.01
C LEU B 173 -12.46 20.34 -3.58
N GLY B 174 -13.01 19.17 -3.26
CA GLY B 174 -12.92 18.62 -1.91
C GLY B 174 -14.09 17.72 -1.55
N GLU B 175 -14.13 17.27 -0.29
CA GLU B 175 -15.14 16.33 0.18
C GLU B 175 -16.48 16.99 0.55
N THR B 176 -17.52 16.62 -0.18
CA THR B 176 -18.82 17.27 -0.11
C THR B 176 -19.88 16.34 0.46
N VAL B 177 -20.61 16.77 1.48
CA VAL B 177 -21.72 15.93 1.94
C VAL B 177 -23.08 16.55 1.64
N THR B 178 -24.02 15.69 1.25
CA THR B 178 -25.34 16.10 0.83
C THR B 178 -26.34 15.09 1.40
N SER B 179 -27.59 15.50 1.60
CA SER B 179 -28.58 14.64 2.26
C SER B 179 -29.80 14.36 1.38
N GLY B 180 -30.74 13.59 1.93
CA GLY B 180 -31.93 13.18 1.20
C GLY B 180 -32.57 11.95 1.83
N ILE B 181 -33.34 11.22 1.03
CA ILE B 181 -33.99 9.99 1.49
C ILE B 181 -33.89 8.88 0.44
N VAL B 182 -34.20 7.65 0.86
CA VAL B 182 -34.25 6.53 -0.07
C VAL B 182 -35.40 6.69 -1.06
N SER B 183 -35.12 7.17 -2.26
CA SER B 183 -36.15 7.41 -3.26
C SER B 183 -36.88 6.15 -3.73
N ALA B 184 -36.14 5.06 -3.92
CA ALA B 184 -36.66 3.83 -4.49
C ALA B 184 -35.72 2.70 -4.13
N LEU B 185 -36.27 1.55 -3.78
CA LEU B 185 -35.44 0.40 -3.46
C LEU B 185 -35.50 -0.68 -4.53
N GLY B 186 -34.96 -0.38 -5.72
CA GLY B 186 -34.92 -1.34 -6.80
C GLY B 186 -35.97 -2.43 -6.70
N ARG B 187 -35.64 -3.51 -5.99
CA ARG B 187 -36.58 -4.60 -5.67
C ARG B 187 -37.03 -5.39 -6.90
N GLU B 196 -31.59 -6.27 -10.08
CA GLU B 196 -30.65 -6.01 -8.99
C GLU B 196 -31.07 -4.79 -8.16
N ASN B 197 -31.12 -4.96 -6.84
CA ASN B 197 -31.53 -3.87 -5.95
C ASN B 197 -30.60 -2.65 -5.93
N PHE B 198 -30.54 -1.93 -7.05
CA PHE B 198 -29.96 -0.60 -7.03
C PHE B 198 -30.74 0.29 -6.07
N ILE B 199 -30.05 1.01 -5.18
CA ILE B 199 -30.71 2.01 -4.35
C ILE B 199 -30.80 3.34 -5.07
N GLN B 200 -31.97 3.95 -4.97
CA GLN B 200 -32.25 5.20 -5.61
C GLN B 200 -32.49 6.23 -4.53
N THR B 201 -31.92 7.41 -4.68
CA THR B 201 -31.99 8.43 -3.65
C THR B 201 -31.85 9.83 -4.21
N ASP B 202 -32.51 10.80 -3.58
CA ASP B 202 -32.46 12.19 -4.02
C ASP B 202 -31.30 12.93 -3.38
N ALA B 203 -30.43 12.20 -2.68
CA ALA B 203 -29.23 12.80 -2.13
C ALA B 203 -28.10 12.68 -3.13
N ALA B 204 -28.21 13.38 -4.25
CA ALA B 204 -27.19 13.36 -5.29
C ALA B 204 -26.71 14.77 -5.62
N ILE B 205 -26.10 14.95 -6.79
CA ILE B 205 -25.58 16.25 -7.19
C ILE B 205 -25.97 16.65 -8.61
N ASN B 206 -26.23 17.94 -8.81
CA ASN B 206 -26.59 18.49 -10.12
C ASN B 206 -25.39 18.63 -11.05
N ARG B 207 -25.32 17.75 -12.06
CA ARG B 207 -24.23 17.73 -13.05
C ARG B 207 -22.91 17.22 -12.49
N GLY B 208 -22.91 16.76 -11.24
CA GLY B 208 -21.71 16.26 -10.61
C GLY B 208 -21.36 14.83 -10.98
N ASN B 209 -20.15 14.41 -10.61
CA ASN B 209 -19.68 13.06 -10.84
C ASN B 209 -20.07 12.08 -9.74
N ALA B 210 -20.64 10.95 -10.15
CA ALA B 210 -21.11 9.90 -9.24
C ALA B 210 -20.22 9.74 -8.02
N GLY B 211 -20.71 10.19 -6.88
CA GLY B 211 -19.92 10.17 -5.66
C GLY B 211 -19.59 8.78 -5.19
N GLY B 212 -19.38 8.64 -3.90
CA GLY B 212 -19.05 7.35 -3.30
C GLY B 212 -20.04 7.02 -2.21
N ALA B 213 -19.61 7.18 -0.96
CA ALA B 213 -20.35 6.66 0.17
C ALA B 213 -21.78 7.16 0.25
N LEU B 214 -22.64 6.25 0.67
CA LEU B 214 -24.02 6.54 0.97
C LEU B 214 -24.22 5.99 2.38
N VAL B 215 -24.40 6.89 3.34
CA VAL B 215 -24.46 6.52 4.74
C VAL B 215 -25.86 6.79 5.30
N ASN B 216 -26.26 6.01 6.30
CA ASN B 216 -27.52 6.31 6.96
C ASN B 216 -27.33 7.31 8.10
N LEU B 217 -28.39 7.53 8.87
CA LEU B 217 -28.35 8.52 9.93
C LEU B 217 -27.40 8.14 11.06
N ASN B 218 -27.21 6.85 11.26
CA ASN B 218 -26.30 6.35 12.28
C ASN B 218 -24.85 6.25 11.81
N GLY B 219 -24.57 6.81 10.64
CA GLY B 219 -23.21 6.80 10.10
C GLY B 219 -22.81 5.44 9.55
N GLU B 220 -23.79 4.62 9.18
CA GLU B 220 -23.50 3.29 8.65
C GLU B 220 -23.61 3.25 7.13
N LEU B 221 -22.76 2.45 6.50
CA LEU B 221 -22.77 2.36 5.06
C LEU B 221 -23.99 1.58 4.58
N ILE B 222 -24.70 2.13 3.60
CA ILE B 222 -25.86 1.46 3.02
C ILE B 222 -25.65 1.27 1.52
N GLY B 223 -24.66 1.94 0.96
CA GLY B 223 -24.40 1.75 -0.45
C GLY B 223 -23.36 2.65 -1.05
N ILE B 224 -22.82 2.27 -2.20
CA ILE B 224 -21.88 3.13 -2.90
C ILE B 224 -22.53 3.72 -4.14
N ASN B 225 -22.63 5.04 -4.18
CA ASN B 225 -23.21 5.73 -5.32
C ASN B 225 -22.38 5.54 -6.59
N THR B 226 -23.05 5.53 -7.73
CA THR B 226 -22.39 5.12 -8.96
C THR B 226 -22.83 5.91 -10.20
N ALA B 227 -22.07 5.75 -11.27
CA ALA B 227 -22.44 6.38 -12.54
C ALA B 227 -23.11 5.37 -13.46
N ILE B 228 -24.41 5.53 -13.67
CA ILE B 228 -25.15 4.66 -14.58
C ILE B 228 -25.05 5.18 -16.01
N LEU B 229 -24.07 6.07 -16.22
CA LEU B 229 -23.69 6.53 -17.55
C LEU B 229 -22.27 6.06 -17.82
N ALA B 230 -22.15 4.82 -18.30
CA ALA B 230 -20.85 4.19 -18.53
C ALA B 230 -19.92 5.08 -19.39
N ILE B 236 -27.98 10.99 -14.09
CA ILE B 236 -29.24 11.13 -14.82
C ILE B 236 -30.14 12.21 -14.21
N GLY B 237 -30.07 12.40 -12.89
CA GLY B 237 -30.88 13.39 -12.21
C GLY B 237 -31.11 13.02 -10.75
N ILE B 238 -30.97 11.73 -10.46
CA ILE B 238 -31.17 11.19 -9.12
C ILE B 238 -30.03 10.21 -8.83
N GLY B 239 -29.90 9.77 -7.58
CA GLY B 239 -28.79 8.93 -7.19
C GLY B 239 -29.05 7.43 -7.25
N PHE B 240 -28.07 6.71 -7.82
CA PHE B 240 -28.12 5.25 -7.90
C PHE B 240 -26.95 4.64 -7.19
N ALA B 241 -27.21 3.81 -6.18
CA ALA B 241 -26.12 3.24 -5.41
C ALA B 241 -26.25 1.73 -5.24
N ILE B 242 -25.12 1.03 -5.36
CA ILE B 242 -25.07 -0.38 -5.03
C ILE B 242 -25.28 -0.52 -3.53
N PRO B 243 -26.17 -1.43 -3.11
CA PRO B 243 -26.46 -1.59 -1.69
C PRO B 243 -25.30 -2.21 -0.88
N SER B 244 -25.17 -1.79 0.38
CA SER B 244 -24.08 -2.24 1.24
C SER B 244 -23.92 -3.75 1.27
N ASN B 245 -25.00 -4.49 1.51
CA ASN B 245 -24.95 -5.95 1.43
C ASN B 245 -24.36 -6.46 0.11
N MET B 246 -24.79 -5.88 -1.01
CA MET B 246 -24.24 -6.24 -2.32
C MET B 246 -22.75 -5.91 -2.40
N VAL B 247 -22.37 -4.80 -1.77
CA VAL B 247 -20.99 -4.33 -1.82
C VAL B 247 -20.06 -5.24 -1.02
N LYS B 248 -20.51 -5.64 0.16
CA LYS B 248 -19.74 -6.55 0.99
C LYS B 248 -19.49 -7.85 0.26
N ASN B 249 -20.57 -8.47 -0.24
CA ASN B 249 -20.45 -9.73 -0.98
C ASN B 249 -19.51 -9.63 -2.19
N LEU B 250 -19.80 -8.71 -3.10
CA LEU B 250 -18.93 -8.39 -4.24
C LEU B 250 -17.49 -8.15 -3.83
N THR B 251 -17.31 -7.59 -2.65
CA THR B 251 -16.03 -7.09 -2.21
C THR B 251 -15.13 -8.24 -1.70
N SER B 252 -15.74 -9.15 -0.95
CA SER B 252 -15.05 -10.32 -0.37
C SER B 252 -14.54 -11.29 -1.43
N GLN B 253 -15.25 -11.39 -2.54
CA GLN B 253 -14.83 -12.26 -3.63
C GLN B 253 -13.51 -11.78 -4.19
N MET B 254 -13.36 -10.47 -4.31
CA MET B 254 -12.11 -9.91 -4.80
C MET B 254 -10.98 -10.22 -3.82
N VAL B 255 -11.29 -10.18 -2.54
CA VAL B 255 -10.32 -10.55 -1.52
C VAL B 255 -9.98 -12.03 -1.64
N GLU B 256 -10.97 -12.88 -1.40
CA GLU B 256 -10.76 -14.32 -1.24
C GLU B 256 -10.66 -15.11 -2.54
N TYR B 257 -10.64 -14.42 -3.68
CA TYR B 257 -10.49 -15.10 -4.96
C TYR B 257 -9.64 -14.30 -5.93
N GLY B 258 -9.63 -12.99 -5.77
CA GLY B 258 -8.91 -12.13 -6.69
C GLY B 258 -9.87 -11.47 -7.66
N GLN B 259 -11.04 -12.09 -7.83
CA GLN B 259 -12.11 -11.52 -8.63
C GLN B 259 -13.48 -12.07 -8.21
N VAL B 260 -14.53 -11.48 -8.79
CA VAL B 260 -15.90 -11.88 -8.47
C VAL B 260 -16.35 -13.08 -9.30
N LYS B 261 -16.87 -14.09 -8.61
CA LYS B 261 -17.41 -15.27 -9.28
C LYS B 261 -18.71 -14.94 -10.00
N ARG B 262 -18.58 -14.51 -11.26
CA ARG B 262 -19.76 -14.34 -12.11
C ARG B 262 -19.49 -14.94 -13.48
N GLY B 263 -20.17 -16.05 -13.77
CA GLY B 263 -20.02 -16.72 -15.04
C GLY B 263 -20.73 -15.98 -16.15
N GLU B 264 -20.19 -16.09 -17.36
CA GLU B 264 -20.80 -15.45 -18.51
C GLU B 264 -21.21 -16.50 -19.53
N LEU B 265 -22.21 -16.17 -20.33
CA LEU B 265 -22.71 -17.08 -21.35
C LEU B 265 -21.85 -16.96 -22.60
N GLY B 266 -21.04 -15.91 -22.63
CA GLY B 266 -20.14 -15.69 -23.76
C GLY B 266 -20.85 -15.18 -24.99
N ILE B 267 -22.10 -14.80 -24.84
CA ILE B 267 -22.85 -14.28 -25.98
C ILE B 267 -22.86 -12.76 -25.97
N MET B 268 -22.79 -12.17 -27.16
CA MET B 268 -22.86 -10.72 -27.29
C MET B 268 -23.90 -10.30 -28.32
N GLY B 269 -24.84 -9.48 -27.90
CA GLY B 269 -25.91 -9.01 -28.77
C GLY B 269 -26.74 -7.96 -28.08
N THR B 270 -27.90 -7.64 -28.67
CA THR B 270 -28.79 -6.63 -28.11
C THR B 270 -30.25 -6.99 -28.29
N GLU B 271 -31.08 -5.96 -28.44
CA GLU B 271 -32.51 -6.16 -28.63
C GLU B 271 -32.86 -6.50 -30.07
N LEU B 272 -34.15 -6.58 -30.36
CA LEU B 272 -34.61 -6.93 -31.69
C LEU B 272 -35.02 -5.67 -32.47
N ASN B 273 -34.60 -4.52 -31.94
CA ASN B 273 -34.84 -3.24 -32.58
C ASN B 273 -33.60 -2.75 -33.31
N SER B 274 -32.46 -3.35 -32.98
CA SER B 274 -31.18 -2.97 -33.57
C SER B 274 -31.21 -3.01 -35.10
N GLU B 275 -30.29 -2.27 -35.72
CA GLU B 275 -30.21 -2.19 -37.18
C GLU B 275 -29.96 -3.56 -37.81
N LEU B 276 -29.32 -4.44 -37.05
CA LEU B 276 -28.99 -5.78 -37.54
C LEU B 276 -30.18 -6.74 -37.41
N ALA B 277 -31.04 -6.49 -36.43
CA ALA B 277 -32.25 -7.29 -36.26
C ALA B 277 -33.22 -7.04 -37.41
N LYS B 278 -33.09 -5.87 -38.04
CA LYS B 278 -33.93 -5.51 -39.17
C LYS B 278 -33.23 -5.79 -40.49
N ALA B 279 -31.96 -5.41 -40.58
CA ALA B 279 -31.16 -5.63 -41.78
C ALA B 279 -31.01 -7.13 -42.07
N MET B 280 -31.31 -7.96 -41.08
CA MET B 280 -31.25 -9.40 -41.24
C MET B 280 -32.62 -10.04 -41.04
N LYS B 281 -33.60 -9.20 -40.73
CA LYS B 281 -35.00 -9.61 -40.63
C LYS B 281 -35.22 -10.86 -39.78
N VAL B 282 -35.43 -10.65 -38.48
CA VAL B 282 -35.62 -11.74 -37.53
C VAL B 282 -37.09 -12.08 -37.33
N ASP B 283 -37.41 -13.36 -37.40
CA ASP B 283 -38.78 -13.85 -37.25
C ASP B 283 -39.15 -13.99 -35.78
N ALA B 284 -40.41 -13.67 -35.46
CA ALA B 284 -40.90 -13.76 -34.09
C ALA B 284 -40.01 -12.97 -33.13
N GLN B 285 -40.29 -11.67 -33.01
CA GLN B 285 -39.43 -10.79 -32.22
C GLN B 285 -39.96 -10.56 -30.80
N ARG B 286 -39.35 -11.25 -29.84
CA ARG B 286 -39.69 -11.09 -28.43
C ARG B 286 -38.67 -11.80 -27.53
N GLY B 287 -37.39 -11.51 -27.77
CA GLY B 287 -36.32 -12.13 -27.00
C GLY B 287 -35.00 -11.40 -27.17
N ALA B 288 -33.90 -12.10 -26.89
CA ALA B 288 -32.57 -11.53 -27.01
C ALA B 288 -31.93 -11.91 -28.34
N PHE B 289 -31.47 -10.90 -29.07
CA PHE B 289 -30.85 -11.14 -30.37
C PHE B 289 -29.36 -11.40 -30.27
N VAL B 290 -28.93 -12.58 -30.74
CA VAL B 290 -27.52 -12.94 -30.74
C VAL B 290 -26.79 -12.30 -31.92
N SER B 291 -26.03 -11.24 -31.65
CA SER B 291 -25.25 -10.58 -32.69
C SER B 291 -23.98 -11.36 -32.98
N GLN B 292 -23.51 -12.10 -31.97
CA GLN B 292 -22.29 -12.88 -32.11
C GLN B 292 -22.10 -13.83 -30.93
N VAL B 293 -21.34 -14.90 -31.15
CA VAL B 293 -20.96 -15.81 -30.08
C VAL B 293 -19.46 -15.71 -29.84
N LEU B 294 -19.08 -15.40 -28.60
CA LEU B 294 -17.68 -15.20 -28.25
C LEU B 294 -16.81 -16.44 -28.48
N PRO B 295 -15.57 -16.23 -28.95
CA PRO B 295 -14.61 -17.31 -29.17
C PRO B 295 -14.19 -17.96 -27.86
N ASN B 296 -13.91 -19.26 -27.89
CA ASN B 296 -13.43 -20.00 -26.72
C ASN B 296 -14.39 -19.91 -25.53
N SER B 297 -15.65 -19.58 -25.80
CA SER B 297 -16.67 -19.49 -24.77
C SER B 297 -17.41 -20.82 -24.63
N SER B 298 -18.36 -20.86 -23.70
CA SER B 298 -19.17 -22.07 -23.52
C SER B 298 -20.35 -22.09 -24.47
N ALA B 299 -20.77 -20.90 -24.90
CA ALA B 299 -21.82 -20.79 -25.91
C ALA B 299 -21.27 -21.25 -27.25
N ALA B 300 -20.03 -20.86 -27.54
CA ALA B 300 -19.35 -21.27 -28.77
C ALA B 300 -19.05 -22.77 -28.75
N LYS B 301 -18.33 -23.21 -27.72
CA LYS B 301 -17.92 -24.61 -27.58
C LYS B 301 -19.10 -25.57 -27.68
N ALA B 302 -20.10 -25.38 -26.83
CA ALA B 302 -21.22 -26.32 -26.73
C ALA B 302 -22.22 -26.20 -27.89
N GLY B 303 -22.20 -25.08 -28.60
CA GLY B 303 -23.04 -24.91 -29.77
C GLY B 303 -24.01 -23.76 -29.73
N ILE B 304 -23.85 -22.82 -30.67
CA ILE B 304 -24.71 -21.64 -30.81
C ILE B 304 -24.14 -20.75 -31.90
N LYS B 305 -25.03 -20.13 -32.68
CA LYS B 305 -24.58 -19.22 -33.73
C LYS B 305 -25.46 -17.98 -33.81
N ALA B 306 -24.87 -16.87 -34.25
CA ALA B 306 -25.57 -15.60 -34.35
C ALA B 306 -26.87 -15.72 -35.12
N GLY B 307 -27.85 -14.91 -34.75
CA GLY B 307 -29.16 -14.93 -35.40
C GLY B 307 -30.22 -15.50 -34.48
N ASP B 308 -29.91 -16.63 -33.86
CA ASP B 308 -30.81 -17.28 -32.91
C ASP B 308 -31.25 -16.30 -31.83
N VAL B 309 -32.54 -16.28 -31.51
CA VAL B 309 -33.06 -15.39 -30.49
C VAL B 309 -33.57 -16.16 -29.28
N ILE B 310 -32.83 -16.07 -28.18
CA ILE B 310 -33.20 -16.78 -26.96
C ILE B 310 -34.63 -16.42 -26.53
N THR B 311 -35.42 -17.44 -26.21
CA THR B 311 -36.81 -17.25 -25.84
C THR B 311 -37.05 -17.63 -24.38
N SER B 312 -36.12 -18.40 -23.81
CA SER B 312 -36.25 -18.84 -22.43
C SER B 312 -34.89 -19.19 -21.81
N LEU B 313 -34.85 -19.21 -20.47
CA LEU B 313 -33.65 -19.60 -19.74
C LEU B 313 -34.09 -20.47 -18.56
N ASN B 314 -33.89 -21.78 -18.69
CA ASN B 314 -34.34 -22.74 -17.68
C ASN B 314 -35.86 -22.75 -17.55
N GLY B 315 -36.55 -22.67 -18.69
CA GLY B 315 -37.99 -22.69 -18.72
C GLY B 315 -38.61 -21.30 -18.77
N LYS B 316 -38.02 -20.36 -18.04
CA LYS B 316 -38.55 -19.00 -17.93
C LYS B 316 -38.31 -18.17 -19.19
N PRO B 317 -39.31 -17.35 -19.57
CA PRO B 317 -39.28 -16.52 -20.78
C PRO B 317 -38.17 -15.48 -20.75
N ILE B 318 -37.56 -15.24 -21.91
CA ILE B 318 -36.56 -14.19 -22.07
C ILE B 318 -37.00 -13.24 -23.16
N SER B 319 -37.53 -12.08 -22.77
CA SER B 319 -38.13 -11.15 -23.73
C SER B 319 -37.19 -10.02 -24.13
N SER B 320 -36.01 -9.97 -23.51
CA SER B 320 -35.05 -8.91 -23.82
C SER B 320 -33.63 -9.28 -23.41
N PHE B 321 -32.64 -8.76 -24.15
CA PHE B 321 -31.24 -9.01 -23.83
C PHE B 321 -30.96 -8.61 -22.39
N ALA B 322 -31.63 -7.56 -21.92
CA ALA B 322 -31.47 -7.09 -20.55
C ALA B 322 -31.89 -8.14 -19.52
N ALA B 323 -33.05 -8.73 -19.73
CA ALA B 323 -33.55 -9.77 -18.84
C ALA B 323 -32.59 -10.95 -18.81
N LEU B 324 -32.00 -11.26 -19.96
CA LEU B 324 -31.04 -12.35 -20.08
C LEU B 324 -29.74 -12.00 -19.36
N ARG B 325 -29.18 -10.86 -19.72
CA ARG B 325 -27.92 -10.38 -19.16
C ARG B 325 -27.99 -10.29 -17.63
N ALA B 326 -29.19 -10.00 -17.12
CA ALA B 326 -29.40 -9.90 -15.67
C ALA B 326 -29.60 -11.27 -15.01
N GLN B 327 -30.20 -12.20 -15.73
CA GLN B 327 -30.45 -13.55 -15.19
C GLN B 327 -29.17 -14.37 -15.09
N VAL B 328 -28.27 -14.19 -16.07
CA VAL B 328 -26.99 -14.90 -16.07
C VAL B 328 -26.06 -14.35 -14.98
N GLY B 329 -26.35 -13.14 -14.52
CA GLY B 329 -25.58 -12.53 -13.45
C GLY B 329 -25.92 -13.10 -12.09
N THR B 330 -27.00 -13.86 -12.01
CA THR B 330 -27.42 -14.49 -10.76
C THR B 330 -26.90 -15.92 -10.71
N MET B 331 -25.85 -16.20 -11.46
CA MET B 331 -25.31 -17.55 -11.54
C MET B 331 -23.77 -17.53 -11.57
N PRO B 332 -23.14 -17.94 -10.45
CA PRO B 332 -21.68 -18.07 -10.37
C PRO B 332 -21.14 -19.22 -11.21
N VAL B 333 -19.85 -19.18 -11.50
CA VAL B 333 -19.20 -20.14 -12.41
C VAL B 333 -19.58 -21.59 -12.16
N GLY B 334 -19.45 -22.41 -13.20
CA GLY B 334 -19.69 -23.85 -13.09
C GLY B 334 -21.15 -24.22 -13.19
N SER B 335 -22.03 -23.26 -12.97
CA SER B 335 -23.47 -23.51 -13.01
C SER B 335 -23.91 -23.99 -14.39
N LYS B 336 -25.00 -24.76 -14.42
CA LYS B 336 -25.55 -25.26 -15.67
C LYS B 336 -26.94 -24.67 -15.92
N LEU B 337 -27.10 -24.03 -17.08
CA LEU B 337 -28.37 -23.42 -17.43
C LEU B 337 -28.78 -23.74 -18.87
N THR B 338 -29.85 -24.53 -19.01
CA THR B 338 -30.37 -24.90 -20.32
C THR B 338 -31.39 -23.86 -20.82
N LEU B 339 -31.17 -23.38 -22.04
CA LEU B 339 -32.01 -22.32 -22.59
C LEU B 339 -32.42 -22.55 -24.05
N GLY B 340 -33.61 -22.06 -24.40
CA GLY B 340 -34.16 -22.24 -25.73
C GLY B 340 -33.81 -21.12 -26.70
N LEU B 341 -33.37 -21.51 -27.89
CA LEU B 341 -33.03 -20.58 -28.95
C LEU B 341 -34.17 -20.47 -29.95
N LEU B 342 -33.94 -19.73 -31.03
CA LEU B 342 -34.94 -19.62 -32.08
C LEU B 342 -34.30 -19.38 -33.44
N ARG B 343 -34.30 -20.43 -34.26
CA ARG B 343 -33.89 -20.33 -35.66
C ARG B 343 -35.01 -20.98 -36.45
N ASP B 344 -35.39 -22.17 -36.00
CA ASP B 344 -36.54 -22.90 -36.53
C ASP B 344 -37.23 -23.56 -35.35
N GLY B 345 -36.49 -23.67 -34.25
CA GLY B 345 -36.96 -24.31 -33.03
C GLY B 345 -35.83 -25.03 -32.32
N LYS B 346 -34.72 -24.33 -32.11
CA LYS B 346 -33.50 -24.91 -31.54
C LYS B 346 -33.39 -24.67 -30.04
N GLN B 347 -32.72 -25.57 -29.33
CA GLN B 347 -32.55 -25.46 -27.87
C GLN B 347 -31.46 -26.38 -27.34
N VAL B 348 -30.65 -25.88 -26.40
CA VAL B 348 -29.50 -26.62 -25.88
C VAL B 348 -29.31 -26.43 -24.37
N ASN B 349 -28.40 -27.22 -23.78
CA ASN B 349 -28.01 -27.09 -22.38
C ASN B 349 -26.49 -27.02 -22.22
N VAL B 350 -26.01 -26.09 -21.40
CA VAL B 350 -24.57 -25.85 -21.29
C VAL B 350 -24.08 -25.50 -19.88
N ASN B 351 -22.76 -25.33 -19.77
CA ASN B 351 -22.12 -24.92 -18.51
C ASN B 351 -21.14 -23.76 -18.74
N LEU B 352 -21.40 -22.63 -18.07
CA LEU B 352 -20.63 -21.40 -18.30
C LEU B 352 -19.39 -21.28 -17.43
N GLU B 353 -18.49 -20.36 -17.81
CA GLU B 353 -17.26 -20.11 -17.06
C GLU B 353 -17.11 -18.65 -16.71
N LEU B 354 -16.08 -18.32 -15.92
CA LEU B 354 -15.88 -16.96 -15.43
C LEU B 354 -15.93 -15.93 -16.55
N GLN B 355 -16.54 -14.80 -16.26
CA GLN B 355 -16.67 -13.69 -17.20
C GLN B 355 -15.30 -13.12 -17.54
N GLN B 356 -15.27 -12.13 -18.43
CA GLN B 356 -14.00 -11.55 -18.85
C GLN B 356 -13.93 -10.06 -18.53
N SER B 357 -15.04 -9.47 -18.12
CA SER B 357 -15.05 -8.07 -17.75
C SER B 357 -14.24 -7.83 -16.47
N SER B 358 -14.50 -8.62 -15.44
CA SER B 358 -13.72 -8.56 -14.22
C SER B 358 -12.44 -9.37 -14.36
N GLN B 359 -11.32 -8.67 -14.50
CA GLN B 359 -10.02 -9.31 -14.67
C GLN B 359 -8.93 -8.61 -13.86
N ASN B 360 -7.73 -9.16 -13.89
CA ASN B 360 -6.58 -8.58 -13.21
C ASN B 360 -5.49 -8.24 -14.22
N GLN B 361 -4.44 -7.56 -13.76
CA GLN B 361 -3.37 -7.15 -14.66
C GLN B 361 -1.98 -7.25 -14.03
N VAL B 362 -1.50 -6.14 -13.50
CA VAL B 362 -0.14 -6.04 -12.99
C VAL B 362 -0.09 -6.06 -11.47
N ASP B 363 -1.17 -6.49 -10.85
CA ASP B 363 -1.28 -6.47 -9.39
C ASP B 363 -1.10 -7.86 -8.78
N SER B 364 -1.09 -8.89 -9.62
CA SER B 364 -0.88 -10.26 -9.17
C SER B 364 0.57 -10.43 -8.72
N SER B 365 1.49 -10.10 -9.61
CA SER B 365 2.91 -10.06 -9.27
C SER B 365 3.21 -8.67 -8.72
N SER B 366 3.68 -8.61 -7.48
CA SER B 366 3.94 -7.33 -6.82
C SER B 366 4.88 -6.47 -7.66
N ILE B 367 5.50 -7.09 -8.66
CA ILE B 367 6.36 -6.40 -9.62
C ILE B 367 5.52 -5.54 -10.58
N PHE B 368 5.58 -5.84 -11.88
CA PHE B 368 4.82 -5.08 -12.87
C PHE B 368 4.85 -5.77 -14.22
N ASN B 369 3.74 -5.68 -14.96
CA ASN B 369 3.63 -6.27 -16.28
C ASN B 369 2.70 -5.48 -17.19
N GLU B 375 -2.84 -10.07 -18.08
CA GLU B 375 -4.25 -9.95 -17.71
C GLU B 375 -4.87 -11.33 -17.48
N MET B 376 -4.66 -11.88 -16.29
CA MET B 376 -5.13 -13.22 -15.96
C MET B 376 -6.52 -13.18 -15.31
N SER B 377 -7.00 -14.36 -14.93
CA SER B 377 -8.30 -14.49 -14.27
C SER B 377 -8.46 -15.92 -13.76
N ASN B 378 -9.48 -16.16 -12.94
CA ASN B 378 -9.72 -17.49 -12.41
C ASN B 378 -10.31 -18.44 -13.44
N LYS B 379 -9.94 -19.72 -13.34
CA LYS B 379 -10.44 -20.73 -14.25
C LYS B 379 -11.33 -21.72 -13.51
N GLY B 380 -12.60 -21.77 -13.88
CA GLY B 380 -13.56 -22.66 -13.24
C GLY B 380 -13.50 -22.56 -11.73
N LYS B 381 -13.66 -23.69 -11.06
CA LYS B 381 -13.53 -23.75 -9.61
C LYS B 381 -12.09 -23.46 -9.19
N ASP B 382 -11.61 -24.16 -8.16
CA ASP B 382 -10.26 -23.93 -7.67
C ASP B 382 -9.23 -24.72 -8.49
N GLN B 383 -9.31 -24.57 -9.81
CA GLN B 383 -8.42 -25.27 -10.72
C GLN B 383 -7.37 -24.34 -11.34
N GLY B 384 -6.75 -23.52 -10.51
CA GLY B 384 -5.64 -22.67 -10.93
C GLY B 384 -6.05 -21.30 -11.44
N VAL B 385 -5.08 -20.60 -12.01
CA VAL B 385 -5.31 -19.26 -12.55
C VAL B 385 -4.99 -19.21 -14.03
N VAL B 386 -6.02 -19.24 -14.87
CA VAL B 386 -5.83 -19.17 -16.32
C VAL B 386 -5.59 -17.74 -16.82
N VAL B 387 -4.47 -17.53 -17.50
CA VAL B 387 -4.16 -16.24 -18.08
C VAL B 387 -4.93 -16.07 -19.39
N ASN B 388 -5.21 -14.84 -19.78
CA ASN B 388 -5.95 -14.57 -21.01
C ASN B 388 -5.13 -13.78 -22.03
N ASN B 389 -5.81 -13.02 -22.88
CA ASN B 389 -5.17 -12.28 -23.97
C ASN B 389 -3.93 -11.47 -23.57
N VAL B 390 -2.77 -11.91 -24.05
CA VAL B 390 -1.52 -11.17 -23.82
C VAL B 390 -1.49 -9.93 -24.71
N LYS B 391 -0.59 -9.00 -24.40
CA LYS B 391 -0.54 -7.74 -25.15
C LYS B 391 0.61 -7.66 -26.16
N THR B 392 0.94 -6.44 -26.56
CA THR B 392 1.98 -6.20 -27.57
C THR B 392 3.34 -5.91 -26.92
N GLY B 393 3.35 -5.12 -25.86
CA GLY B 393 4.55 -4.88 -25.09
C GLY B 393 5.13 -6.20 -24.61
N THR B 394 4.25 -7.16 -24.38
CA THR B 394 4.63 -8.53 -24.01
C THR B 394 5.65 -8.66 -22.88
N PRO B 395 5.51 -7.85 -21.81
CA PRO B 395 6.46 -8.03 -20.70
C PRO B 395 6.23 -9.35 -19.98
N ALA B 396 4.97 -9.80 -19.96
CA ALA B 396 4.60 -11.05 -19.32
C ALA B 396 4.57 -12.21 -20.32
N ALA B 397 4.61 -11.88 -21.60
CA ALA B 397 4.67 -12.89 -22.66
C ALA B 397 6.12 -13.28 -22.90
N GLN B 398 7.03 -12.34 -22.66
CA GLN B 398 8.46 -12.59 -22.77
C GLN B 398 8.90 -13.60 -21.72
N ILE B 399 8.14 -13.71 -20.64
CA ILE B 399 8.48 -14.62 -19.55
C ILE B 399 7.91 -16.02 -19.79
N GLY B 400 7.62 -16.33 -21.05
CA GLY B 400 7.16 -17.66 -21.43
C GLY B 400 5.70 -17.94 -21.12
N LEU B 401 4.87 -16.89 -21.18
CA LEU B 401 3.45 -17.04 -20.91
C LEU B 401 2.61 -16.79 -22.16
N LYS B 402 1.93 -17.82 -22.62
CA LYS B 402 1.14 -17.76 -23.85
C LYS B 402 -0.25 -17.21 -23.59
N LYS B 403 -1.23 -17.68 -24.36
CA LYS B 403 -2.60 -17.18 -24.28
C LYS B 403 -3.44 -17.93 -23.24
N GLY B 404 -3.18 -19.21 -23.07
CA GLY B 404 -3.95 -20.03 -22.15
C GLY B 404 -3.08 -20.83 -21.20
N ASP B 405 -2.36 -20.12 -20.33
CA ASP B 405 -1.43 -20.78 -19.41
C ASP B 405 -1.94 -20.76 -17.98
N VAL B 406 -2.25 -21.94 -17.45
CA VAL B 406 -2.72 -22.07 -16.08
C VAL B 406 -1.54 -22.04 -15.11
N ILE B 407 -1.82 -21.63 -13.87
CA ILE B 407 -0.78 -21.53 -12.85
C ILE B 407 -1.23 -22.19 -11.56
N ILE B 408 -1.09 -23.52 -11.48
CA ILE B 408 -1.48 -24.27 -10.30
C ILE B 408 -0.35 -24.28 -9.26
N GLY B 409 0.83 -23.83 -9.68
CA GLY B 409 1.99 -23.83 -8.82
C GLY B 409 2.30 -22.48 -8.22
N ALA B 410 2.26 -22.40 -6.89
CA ALA B 410 2.51 -21.15 -6.18
C ALA B 410 4.01 -20.88 -6.07
N ASN B 411 4.68 -20.81 -7.22
CA ASN B 411 6.13 -20.69 -7.27
C ASN B 411 6.77 -21.94 -6.68
N GLN B 412 5.94 -22.77 -6.04
CA GLN B 412 6.37 -24.03 -5.46
C GLN B 412 5.16 -24.77 -4.88
N GLN B 413 4.14 -24.03 -4.47
CA GLN B 413 2.94 -24.62 -3.84
C GLN B 413 1.70 -24.62 -4.74
N ALA B 414 0.55 -24.39 -4.11
CA ALA B 414 -0.74 -24.53 -4.77
C ALA B 414 -1.45 -23.20 -5.02
N VAL B 415 -1.64 -22.88 -6.30
CA VAL B 415 -2.42 -21.71 -6.71
C VAL B 415 -3.74 -22.12 -7.34
N LYS B 416 -4.77 -22.25 -6.51
CA LYS B 416 -6.10 -22.61 -6.98
C LYS B 416 -6.84 -21.35 -7.42
N ASN B 417 -6.33 -20.20 -7.01
CA ASN B 417 -6.93 -18.91 -7.37
C ASN B 417 -5.96 -17.75 -7.22
N ILE B 418 -6.26 -16.63 -7.87
CA ILE B 418 -5.41 -15.44 -7.85
C ILE B 418 -5.19 -14.89 -6.44
N ALA B 419 -6.07 -15.21 -5.51
CA ALA B 419 -5.89 -14.80 -4.13
C ALA B 419 -4.63 -15.46 -3.57
N GLU B 420 -4.57 -16.78 -3.69
CA GLU B 420 -3.42 -17.55 -3.23
C GLU B 420 -2.15 -17.21 -4.00
N LEU B 421 -2.27 -17.14 -5.32
CA LEU B 421 -1.16 -16.74 -6.17
C LEU B 421 -0.55 -15.45 -5.65
N ARG B 422 -1.40 -14.44 -5.51
CA ARG B 422 -0.98 -13.11 -5.08
C ARG B 422 -0.57 -13.13 -3.60
N LYS B 423 -1.03 -14.15 -2.88
CA LYS B 423 -0.66 -14.36 -1.49
C LYS B 423 0.82 -14.73 -1.40
N VAL B 424 1.31 -15.41 -2.43
CA VAL B 424 2.69 -15.90 -2.47
C VAL B 424 3.65 -14.88 -3.07
N LEU B 425 3.22 -14.20 -4.14
CA LEU B 425 4.07 -13.21 -4.80
C LEU B 425 4.20 -11.94 -3.96
N ASP B 426 3.86 -12.04 -2.68
CA ASP B 426 3.93 -10.92 -1.75
C ASP B 426 4.75 -11.30 -0.52
N SER B 427 4.78 -12.59 -0.23
CA SER B 427 5.52 -13.10 0.93
C SER B 427 6.99 -13.33 0.61
N LYS B 428 7.26 -13.99 -0.50
CA LYS B 428 8.63 -14.29 -0.91
C LYS B 428 9.01 -13.69 -2.28
N PRO B 429 9.24 -12.37 -2.32
CA PRO B 429 9.64 -11.68 -3.55
C PRO B 429 11.13 -11.89 -3.87
N SER B 430 11.70 -12.98 -3.38
CA SER B 430 13.11 -13.30 -3.63
C SER B 430 13.27 -14.07 -4.94
N VAL B 431 13.17 -15.39 -4.86
CA VAL B 431 13.24 -16.24 -6.06
C VAL B 431 11.82 -16.57 -6.54
N LEU B 432 11.60 -16.47 -7.85
CA LEU B 432 10.28 -16.73 -8.42
C LEU B 432 10.34 -17.67 -9.61
N ALA B 433 9.66 -18.81 -9.50
CA ALA B 433 9.58 -19.77 -10.58
C ALA B 433 8.14 -20.23 -10.76
N LEU B 434 7.44 -19.61 -11.71
CA LEU B 434 6.03 -19.91 -11.95
C LEU B 434 5.84 -21.33 -12.48
N ASN B 435 5.14 -22.16 -11.70
CA ASN B 435 4.85 -23.52 -12.11
C ASN B 435 3.64 -23.55 -13.05
N ILE B 436 3.80 -22.94 -14.22
CA ILE B 436 2.69 -22.83 -15.17
C ILE B 436 2.57 -24.06 -16.07
N GLN B 437 1.34 -24.39 -16.42
CA GLN B 437 1.07 -25.51 -17.32
C GLN B 437 -0.13 -25.20 -18.19
N ARG B 438 0.13 -24.66 -19.38
CA ARG B 438 -0.92 -24.29 -20.32
C ARG B 438 -1.53 -25.51 -21.02
N GLY B 439 -2.15 -26.38 -20.22
CA GLY B 439 -2.79 -27.57 -20.74
C GLY B 439 -1.84 -28.75 -20.80
N ASP B 440 -0.79 -28.63 -21.61
CA ASP B 440 0.20 -29.69 -21.76
C ASP B 440 1.54 -29.29 -21.17
N SER B 441 2.21 -28.33 -21.80
CA SER B 441 3.53 -27.89 -21.38
C SER B 441 3.54 -27.42 -19.93
N THR B 442 4.31 -28.12 -19.11
CA THR B 442 4.44 -27.76 -17.69
C THR B 442 5.83 -27.18 -17.43
N ILE B 443 6.06 -25.99 -17.95
CA ILE B 443 7.36 -25.32 -17.81
C ILE B 443 7.47 -24.57 -16.49
N TYR B 444 8.66 -24.08 -16.17
CA TYR B 444 8.88 -23.36 -14.91
C TYR B 444 9.74 -22.12 -15.13
N LEU B 445 9.10 -21.03 -15.55
CA LEU B 445 9.82 -19.79 -15.87
C LEU B 445 10.10 -18.95 -14.62
N LEU B 446 10.98 -17.96 -14.78
CA LEU B 446 11.34 -17.07 -13.68
C LEU B 446 10.48 -15.81 -13.69
#